data_5E3E
#
_entry.id   5E3E
#
_cell.length_a   48.890
_cell.length_b   57.146
_cell.length_c   64.302
_cell.angle_alpha   78.25
_cell.angle_beta   90.21
_cell.angle_gamma   79.11
#
_symmetry.space_group_name_H-M   'P 1'
#
loop_
_entity.id
_entity.type
_entity.pdbx_description
1 polymer 'CdiI immunity protein'
2 polymer 'Large exoprotein involved in heme utilization or adhesion'
3 non-polymer 'SODIUM ION'
4 water water
#
loop_
_entity_poly.entity_id
_entity_poly.type
_entity_poly.pdbx_seq_one_letter_code
_entity_poly.pdbx_strand_id
1 'polypeptide(L)'
;(MSE)IINEKYPYLSYLLRCYFNQDFEVLFGNADETLAAYKATETAEERLQ(MSE)KAEIDYLLALSLPDDELQDILLNK
LDCSYYYPNEWSSSEEWLKHIYKQ(MSE)NHHHHHH
;
A,C,E
2 'polypeptide(L)'
;GGHLIDRHVGKTEAELLNRVSTGNVKSASSFTDRTTAEAVTSKAIDSNQAKIDSYLSGSQKGYLEIDYQSNVPIGISVSR
GSTNVSSVTNARIIIARDPS(MSE)PTGYKIITGYPTP
;
B,D,F
#
loop_
_chem_comp.id
_chem_comp.type
_chem_comp.name
_chem_comp.formula
NA non-polymer 'SODIUM ION' 'Na 1'
#
# COMPACT_ATOMS: atom_id res chain seq x y z
N MSE A 1 -14.53 7.65 -33.28
CA MSE A 1 -13.08 7.42 -33.06
C MSE A 1 -12.79 7.33 -31.60
O MSE A 1 -13.62 7.67 -30.75
CB MSE A 1 -12.25 8.57 -33.67
CG MSE A 1 -12.56 9.95 -33.10
SE MSE A 1 -11.72 11.34 -34.26
CE MSE A 1 -13.19 11.38 -35.60
N ILE A 2 -11.57 6.87 -31.30
CA ILE A 2 -11.07 6.75 -29.94
C ILE A 2 -9.73 7.52 -29.97
N ILE A 3 -9.43 8.22 -28.88
CA ILE A 3 -8.30 9.17 -28.88
C ILE A 3 -6.98 8.53 -29.26
N ASN A 4 -6.73 7.28 -28.90
CA ASN A 4 -5.43 6.66 -29.21
C ASN A 4 -5.32 6.27 -30.70
N GLU A 5 -6.43 6.31 -31.41
CA GLU A 5 -6.44 6.09 -32.88
C GLU A 5 -5.78 7.27 -33.55
N LYS A 6 -5.98 8.49 -33.04
CA LYS A 6 -5.41 9.70 -33.64
C LYS A 6 -4.16 10.27 -32.96
N TYR A 7 -3.99 9.94 -31.66
CA TYR A 7 -2.79 10.26 -30.92
C TYR A 7 -2.00 9.01 -30.47
N PRO A 8 -1.62 8.17 -31.43
CA PRO A 8 -0.99 6.93 -30.97
C PRO A 8 0.41 7.15 -30.38
N TYR A 9 1.14 8.16 -30.80
CA TYR A 9 2.53 8.32 -30.36
C TYR A 9 2.62 8.78 -28.90
N LEU A 10 1.81 9.74 -28.54
CA LEU A 10 1.68 10.14 -27.14
C LEU A 10 1.00 9.07 -26.32
N SER A 11 0.02 8.38 -26.87
CA SER A 11 -0.61 7.26 -26.13
C SER A 11 0.46 6.20 -25.79
N TYR A 12 1.37 5.92 -26.73
CA TYR A 12 2.44 4.94 -26.52
C TYR A 12 3.38 5.38 -25.40
N LEU A 13 3.91 6.62 -25.46
CA LEU A 13 4.71 7.15 -24.37
C LEU A 13 3.97 7.04 -23.02
N LEU A 14 2.73 7.49 -22.98
CA LEU A 14 2.04 7.71 -21.74
C LEU A 14 1.49 6.41 -21.15
N ARG A 15 1.25 5.42 -21.99
CA ARG A 15 0.71 4.14 -21.53
C ARG A 15 1.74 3.06 -21.38
N CYS A 16 2.77 3.03 -22.22
CA CYS A 16 3.75 1.96 -22.15
C CYS A 16 4.94 2.37 -21.30
N TYR A 17 5.35 3.65 -21.38
CA TYR A 17 6.48 4.10 -20.60
C TYR A 17 5.99 4.64 -19.27
N PHE A 18 5.07 5.60 -19.28
CA PHE A 18 4.48 6.07 -18.01
C PHE A 18 3.40 5.17 -17.48
N ASN A 19 3.67 3.85 -17.50
CA ASN A 19 2.80 2.87 -16.90
C ASN A 19 2.90 2.97 -15.35
N GLN A 20 2.01 2.28 -14.63
CA GLN A 20 2.00 2.40 -13.17
C GLN A 20 3.31 1.97 -12.52
N ASP A 21 4.09 1.18 -13.22
CA ASP A 21 5.36 0.69 -12.71
C ASP A 21 6.60 1.45 -13.23
N PHE A 22 6.43 2.66 -13.71
CA PHE A 22 7.57 3.40 -14.31
C PHE A 22 8.75 3.62 -13.36
N GLU A 23 8.48 3.82 -12.07
CA GLU A 23 9.58 4.03 -11.12
C GLU A 23 10.45 2.79 -10.95
N VAL A 24 9.85 1.61 -11.07
CA VAL A 24 10.58 0.33 -10.93
C VAL A 24 11.28 -0.09 -12.22
N LEU A 25 10.60 0.14 -13.35
CA LEU A 25 11.16 -0.20 -14.65
C LEU A 25 12.23 0.75 -15.10
N PHE A 26 12.00 2.06 -14.93
CA PHE A 26 12.89 3.04 -15.53
C PHE A 26 13.52 4.01 -14.54
N GLY A 27 12.76 4.41 -13.55
CA GLY A 27 13.21 5.37 -12.56
C GLY A 27 12.32 6.56 -12.54
N ASN A 28 12.88 7.73 -12.25
CA ASN A 28 12.08 8.94 -12.15
C ASN A 28 11.54 9.37 -13.52
N ALA A 29 10.72 10.41 -13.59
CA ALA A 29 10.06 10.74 -14.86
C ALA A 29 11.11 11.07 -15.96
N ASP A 30 12.18 11.73 -15.61
CA ASP A 30 13.16 12.07 -16.64
C ASP A 30 13.99 10.84 -17.04
N GLU A 31 14.18 9.91 -16.12
CA GLU A 31 14.88 8.66 -16.48
C GLU A 31 13.98 7.82 -17.38
N THR A 32 12.67 7.91 -17.16
CA THR A 32 11.70 7.27 -18.06
C THR A 32 11.78 7.86 -19.50
N LEU A 33 11.78 9.19 -19.60
CA LEU A 33 11.96 9.87 -20.88
C LEU A 33 13.26 9.49 -21.53
N ALA A 34 14.33 9.33 -20.75
CA ALA A 34 15.62 8.93 -21.32
C ALA A 34 15.59 7.51 -21.84
N ALA A 35 14.90 6.61 -21.15
CA ALA A 35 14.77 5.22 -21.61
C ALA A 35 14.00 5.16 -22.93
N TYR A 36 12.92 5.95 -23.04
CA TYR A 36 12.18 6.05 -24.28
C TYR A 36 13.10 6.55 -25.42
N LYS A 37 13.82 7.60 -25.15
CA LYS A 37 14.68 8.17 -26.17
C LYS A 37 15.70 7.15 -26.62
N ALA A 38 16.29 6.41 -25.68
CA ALA A 38 17.33 5.44 -26.01
C ALA A 38 16.81 4.24 -26.77
N THR A 39 15.60 3.83 -26.44
CA THR A 39 15.02 2.60 -26.94
C THR A 39 14.35 2.78 -28.30
N GLU A 40 13.62 3.88 -28.47
CA GLU A 40 12.77 4.07 -29.64
C GLU A 40 13.51 4.80 -30.75
N THR A 41 13.00 4.70 -31.97
CA THR A 41 13.69 5.29 -33.12
C THR A 41 13.52 6.80 -33.14
N ALA A 42 14.36 7.46 -33.92
CA ALA A 42 14.22 8.92 -34.11
C ALA A 42 12.84 9.22 -34.73
N GLU A 43 12.36 8.37 -35.62
CA GLU A 43 11.06 8.62 -36.23
C GLU A 43 9.95 8.58 -35.19
N GLU A 44 10.03 7.63 -34.26
CA GLU A 44 9.03 7.52 -33.23
C GLU A 44 8.99 8.80 -32.40
N ARG A 45 10.14 9.28 -31.91
N ARG A 45 10.16 9.26 -31.98
CA ARG A 45 10.10 10.46 -31.05
CA ARG A 45 10.25 10.42 -31.10
C ARG A 45 9.71 11.73 -31.81
C ARG A 45 9.77 11.71 -31.80
N LEU A 46 10.09 11.86 -33.09
CA LEU A 46 9.64 13.01 -33.88
C LEU A 46 8.13 13.02 -34.08
N GLN A 47 7.51 11.84 -34.22
CA GLN A 47 6.05 11.78 -34.38
C GLN A 47 5.37 12.08 -33.02
N MSE A 48 6.01 11.66 -31.93
CA MSE A 48 5.51 12.00 -30.58
C MSE A 48 5.59 13.51 -30.39
O MSE A 48 4.63 14.13 -29.93
CB MSE A 48 6.26 11.15 -29.53
CG MSE A 48 5.74 11.31 -28.09
SE MSE A 48 6.46 12.97 -27.28
CE MSE A 48 8.32 12.35 -27.06
N LYS A 49 6.71 14.12 -30.76
CA LYS A 49 6.87 15.55 -30.63
C LYS A 49 5.81 16.28 -31.47
N ALA A 50 5.53 15.78 -32.66
CA ALA A 50 4.49 16.43 -33.52
C ALA A 50 3.15 16.44 -32.81
N GLU A 51 2.81 15.35 -32.12
CA GLU A 51 1.55 15.32 -31.33
C GLU A 51 1.56 16.31 -30.16
N ILE A 52 2.68 16.44 -29.45
CA ILE A 52 2.79 17.48 -28.46
C ILE A 52 2.49 18.84 -29.08
N ASP A 53 3.02 19.11 -30.27
CA ASP A 53 2.81 20.40 -30.87
C ASP A 53 1.35 20.63 -31.24
N TYR A 54 0.66 19.56 -31.67
CA TYR A 54 -0.78 19.69 -31.99
C TYR A 54 -1.55 20.09 -30.73
N LEU A 55 -1.12 19.60 -29.58
CA LEU A 55 -1.79 19.97 -28.34
C LEU A 55 -1.43 21.35 -27.90
N LEU A 56 -0.13 21.67 -27.87
CA LEU A 56 0.33 22.93 -27.34
C LEU A 56 -0.26 24.11 -28.14
N ALA A 57 -0.42 23.92 -29.44
CA ALA A 57 -0.86 25.00 -30.33
C ALA A 57 -2.28 25.42 -30.07
N LEU A 58 -3.06 24.58 -29.41
CA LEU A 58 -4.44 24.91 -29.13
C LEU A 58 -4.60 25.86 -27.93
N SER A 59 -3.57 26.03 -27.10
CA SER A 59 -3.69 26.84 -25.86
C SER A 59 -4.93 26.52 -25.05
N LEU A 60 -5.12 25.25 -24.77
CA LEU A 60 -6.29 24.81 -24.01
C LEU A 60 -6.23 25.29 -22.57
N PRO A 61 -7.39 25.53 -21.94
CA PRO A 61 -7.50 25.61 -20.50
C PRO A 61 -6.82 24.43 -19.82
N ASP A 62 -6.05 24.70 -18.74
CA ASP A 62 -5.25 23.64 -18.18
C ASP A 62 -6.07 22.44 -17.74
N ASP A 63 -7.26 22.66 -17.19
CA ASP A 63 -8.07 21.54 -16.75
C ASP A 63 -8.42 20.58 -17.92
N GLU A 64 -8.63 21.14 -19.12
CA GLU A 64 -8.94 20.30 -20.28
C GLU A 64 -7.70 19.55 -20.75
N LEU A 65 -6.55 20.21 -20.80
CA LEU A 65 -5.32 19.53 -21.20
C LEU A 65 -4.97 18.48 -20.19
N GLN A 66 -5.19 18.75 -18.90
CA GLN A 66 -4.88 17.72 -17.90
C GLN A 66 -5.77 16.51 -18.04
N ASP A 67 -7.04 16.71 -18.33
CA ASP A 67 -7.95 15.58 -18.54
C ASP A 67 -7.50 14.75 -19.74
N ILE A 68 -7.02 15.42 -20.78
CA ILE A 68 -6.53 14.72 -21.95
C ILE A 68 -5.32 13.83 -21.60
N LEU A 69 -4.34 14.43 -20.94
CA LEU A 69 -3.09 13.68 -20.63
C LEU A 69 -3.28 12.56 -19.62
N LEU A 70 -3.93 12.88 -18.51
CA LEU A 70 -4.13 11.93 -17.42
C LEU A 70 -5.23 10.91 -17.63
N ASN A 71 -6.38 11.32 -18.17
CA ASN A 71 -7.52 10.44 -18.27
C ASN A 71 -7.79 9.85 -19.64
N LYS A 72 -7.65 10.64 -20.70
CA LYS A 72 -7.95 10.15 -22.04
C LYS A 72 -6.76 9.38 -22.59
N LEU A 73 -5.60 10.03 -22.63
CA LEU A 73 -4.36 9.31 -23.01
C LEU A 73 -3.85 8.38 -21.90
N ASP A 74 -4.33 8.59 -20.66
CA ASP A 74 -4.18 7.69 -19.54
C ASP A 74 -2.77 7.55 -19.00
N CYS A 75 -2.05 8.67 -18.92
CA CYS A 75 -0.74 8.73 -18.25
C CYS A 75 -0.87 8.30 -16.77
N SER A 76 0.02 7.42 -16.28
CA SER A 76 -0.02 7.01 -14.83
C SER A 76 0.77 7.94 -13.93
N TYR A 77 1.71 8.71 -14.49
CA TYR A 77 2.53 9.64 -13.71
C TYR A 77 1.77 10.92 -13.42
N TYR A 78 1.60 11.23 -12.12
CA TYR A 78 0.85 12.42 -11.71
C TYR A 78 1.81 13.64 -11.74
N TYR A 79 2.11 14.07 -12.97
CA TYR A 79 3.01 15.21 -13.22
C TYR A 79 2.60 16.52 -12.53
N PRO A 80 1.28 16.74 -12.20
CA PRO A 80 1.01 18.03 -11.53
C PRO A 80 1.73 18.20 -10.17
N ASN A 81 2.27 17.14 -9.59
CA ASN A 81 2.99 17.33 -8.33
C ASN A 81 4.37 17.90 -8.54
N GLU A 82 4.88 17.83 -9.77
CA GLU A 82 6.16 18.44 -10.12
C GLU A 82 6.04 19.63 -11.07
N TRP A 83 4.85 19.87 -11.67
CA TRP A 83 4.72 20.82 -12.77
C TRP A 83 3.48 21.68 -12.57
N SER A 84 3.62 22.99 -12.80
CA SER A 84 2.57 23.97 -12.51
C SER A 84 1.41 23.85 -13.48
N SER A 85 1.66 23.25 -14.65
CA SER A 85 0.63 23.14 -15.69
C SER A 85 0.98 22.00 -16.63
N SER A 86 -0.02 21.54 -17.35
CA SER A 86 0.16 20.51 -18.36
C SER A 86 1.00 21.05 -19.54
N GLU A 87 0.80 22.30 -19.94
CA GLU A 87 1.68 22.93 -20.93
C GLU A 87 3.13 22.84 -20.53
N GLU A 88 3.44 23.19 -19.30
CA GLU A 88 4.85 23.20 -18.90
C GLU A 88 5.45 21.77 -18.93
N TRP A 89 4.70 20.77 -18.52
CA TRP A 89 5.21 19.41 -18.54
C TRP A 89 5.44 18.99 -19.99
N LEU A 90 4.48 19.27 -20.89
CA LEU A 90 4.69 18.88 -22.29
C LEU A 90 5.92 19.58 -22.90
N LYS A 91 6.12 20.85 -22.59
CA LYS A 91 7.29 21.58 -23.09
C LYS A 91 8.58 20.94 -22.58
N HIS A 92 8.52 20.49 -21.32
CA HIS A 92 9.65 19.74 -20.72
C HIS A 92 9.93 18.40 -21.46
N ILE A 93 8.90 17.62 -21.75
CA ILE A 93 9.08 16.34 -22.48
C ILE A 93 9.75 16.65 -23.81
N TYR A 94 9.23 17.65 -24.51
CA TYR A 94 9.73 18.03 -25.82
C TYR A 94 11.25 18.33 -25.73
N LYS A 95 11.64 19.16 -24.76
CA LYS A 95 13.02 19.56 -24.57
C LYS A 95 13.95 18.40 -24.17
N GLN A 96 13.43 17.48 -23.37
CA GLN A 96 14.18 16.28 -22.98
C GLN A 96 14.57 15.38 -24.15
N MSE A 97 13.86 15.51 -25.27
CA MSE A 97 14.20 14.80 -26.46
C MSE A 97 15.41 15.33 -27.19
O MSE A 97 15.96 14.66 -28.06
CB MSE A 97 13.00 14.77 -27.43
CG MSE A 97 11.82 14.05 -26.78
SE MSE A 97 12.16 12.13 -26.42
CE MSE A 97 12.37 12.28 -24.47
N ASN A 98 15.84 16.53 -26.87
CA ASN A 98 16.93 17.12 -27.68
C ASN A 98 18.34 16.77 -27.19
N HIS A 99 19.34 17.20 -27.95
CA HIS A 99 20.70 16.70 -27.81
C HIS A 99 21.44 17.46 -26.71
N GLY B 1 15.41 -9.87 -11.77
CA GLY B 1 14.32 -9.08 -11.12
C GLY B 1 13.05 -9.88 -10.92
N GLY B 2 11.95 -9.19 -10.64
CA GLY B 2 10.66 -9.84 -10.42
C GLY B 2 9.75 -9.74 -11.64
N HIS B 3 8.53 -10.23 -11.52
CA HIS B 3 7.50 -10.05 -12.58
C HIS B 3 6.56 -8.94 -12.13
N LEU B 4 6.60 -7.81 -12.83
CA LEU B 4 5.93 -6.61 -12.35
C LEU B 4 4.41 -6.73 -12.30
N ILE B 5 3.84 -7.63 -13.06
CA ILE B 5 2.40 -7.84 -12.95
C ILE B 5 2.04 -8.21 -11.50
N ASP B 6 2.99 -8.77 -10.75
CA ASP B 6 2.67 -9.19 -9.38
C ASP B 6 2.46 -8.03 -8.44
N ARG B 7 2.91 -6.83 -8.85
CA ARG B 7 2.59 -5.60 -8.11
C ARG B 7 1.09 -5.23 -8.24
N HIS B 8 0.37 -5.97 -9.07
CA HIS B 8 -1.04 -5.68 -9.44
C HIS B 8 -1.90 -6.93 -9.33
N VAL B 9 -1.52 -7.84 -8.44
CA VAL B 9 -2.36 -9.02 -8.13
C VAL B 9 -2.62 -9.12 -6.63
N GLY B 10 -3.89 -9.07 -6.28
CA GLY B 10 -4.33 -9.28 -4.92
C GLY B 10 -3.94 -8.25 -3.90
N LYS B 11 -3.60 -7.05 -4.35
CA LYS B 11 -3.20 -5.97 -3.48
C LYS B 11 -4.37 -5.51 -2.61
N THR B 12 -4.03 -5.06 -1.41
CA THR B 12 -5.01 -4.54 -0.48
C THR B 12 -5.34 -3.11 -0.84
N GLU B 13 -6.50 -2.67 -0.39
CA GLU B 13 -6.87 -1.26 -0.48
C GLU B 13 -5.81 -0.32 0.13
N ALA B 14 -5.24 -0.75 1.25
CA ALA B 14 -4.24 0.02 1.95
C ALA B 14 -3.04 0.26 1.05
N GLU B 15 -2.58 -0.79 0.41
CA GLU B 15 -1.39 -0.75 -0.47
C GLU B 15 -1.64 0.17 -1.64
N LEU B 16 -2.79 0.02 -2.30
CA LEU B 16 -3.08 0.86 -3.47
C LEU B 16 -3.25 2.32 -3.09
N LEU B 17 -3.89 2.57 -1.95
CA LEU B 17 -4.11 3.92 -1.48
C LEU B 17 -2.81 4.60 -1.10
N ASN B 18 -1.86 3.83 -0.58
CA ASN B 18 -0.56 4.39 -0.31
C ASN B 18 0.16 4.86 -1.59
N ARG B 19 0.04 4.11 -2.68
CA ARG B 19 0.69 4.51 -3.94
C ARG B 19 0.14 5.83 -4.48
N VAL B 20 -1.15 6.09 -4.29
CA VAL B 20 -1.74 7.32 -4.81
C VAL B 20 -1.67 8.50 -3.85
N SER B 21 -1.04 8.35 -2.69
CA SER B 21 -0.89 9.50 -1.79
C SER B 21 0.58 9.82 -1.67
N THR B 22 1.30 8.95 -0.99
CA THR B 22 2.77 9.05 -0.88
C THR B 22 3.50 8.87 -2.22
N GLY B 23 3.03 7.91 -3.02
CA GLY B 23 3.60 7.69 -4.36
C GLY B 23 3.20 8.77 -5.33
N ASN B 24 3.56 8.57 -6.60
CA ASN B 24 3.46 9.64 -7.60
C ASN B 24 2.68 9.23 -8.88
N VAL B 25 1.77 8.28 -8.68
CA VAL B 25 0.87 7.86 -9.73
C VAL B 25 -0.48 8.49 -9.52
N LYS B 26 -1.21 8.65 -10.60
CA LYS B 26 -2.53 9.28 -10.52
C LYS B 26 -3.56 8.29 -9.99
N SER B 27 -3.27 7.02 -10.21
CA SER B 27 -4.17 5.90 -9.84
C SER B 27 -3.40 4.62 -9.77
N ALA B 28 -3.97 3.65 -9.08
CA ALA B 28 -3.32 2.38 -8.88
C ALA B 28 -4.37 1.30 -8.88
N SER B 29 -4.07 0.19 -9.50
CA SER B 29 -5.04 -0.88 -9.62
C SER B 29 -4.42 -2.27 -9.43
N SER B 30 -5.29 -3.25 -9.24
CA SER B 30 -4.90 -4.62 -8.94
C SER B 30 -5.99 -5.59 -9.38
N PHE B 31 -5.59 -6.69 -10.02
CA PHE B 31 -6.48 -7.80 -10.30
C PHE B 31 -6.90 -8.44 -8.97
N THR B 32 -8.10 -8.99 -8.96
CA THR B 32 -8.66 -9.59 -7.74
C THR B 32 -7.75 -10.69 -7.18
N ASP B 33 -7.24 -11.53 -8.07
CA ASP B 33 -6.45 -12.69 -7.66
C ASP B 33 -5.69 -13.25 -8.81
N ARG B 34 -4.85 -14.24 -8.55
CA ARG B 34 -4.00 -14.83 -9.60
C ARG B 34 -4.80 -15.50 -10.71
N THR B 35 -5.86 -16.20 -10.36
CA THR B 35 -6.65 -16.86 -11.38
C THR B 35 -7.24 -15.85 -12.36
N THR B 36 -7.70 -14.72 -11.84
CA THR B 36 -8.22 -13.65 -12.66
C THR B 36 -7.14 -13.00 -13.52
N ALA B 37 -5.98 -12.71 -12.92
CA ALA B 37 -4.90 -12.08 -13.67
C ALA B 37 -4.48 -12.97 -14.82
N GLU B 38 -4.38 -14.27 -14.55
CA GLU B 38 -3.99 -15.22 -15.57
C GLU B 38 -5.03 -15.32 -16.68
N ALA B 39 -6.30 -15.37 -16.30
CA ALA B 39 -7.40 -15.50 -17.27
C ALA B 39 -7.47 -14.28 -18.18
N VAL B 40 -7.35 -13.09 -17.61
CA VAL B 40 -7.37 -11.85 -18.36
C VAL B 40 -6.16 -11.76 -19.28
N THR B 41 -4.97 -12.08 -18.76
CA THR B 41 -3.77 -12.05 -19.57
C THR B 41 -3.92 -12.94 -20.79
N SER B 42 -4.37 -14.18 -20.59
CA SER B 42 -4.57 -15.11 -21.72
C SER B 42 -5.60 -14.61 -22.71
N LYS B 43 -6.75 -14.12 -22.25
CA LYS B 43 -7.79 -13.60 -23.17
C LYS B 43 -7.30 -12.38 -23.97
N ALA B 44 -6.56 -11.49 -23.32
CA ALA B 44 -6.03 -10.30 -23.98
C ALA B 44 -5.02 -10.69 -25.05
N ILE B 45 -4.15 -11.64 -24.74
CA ILE B 45 -3.18 -12.08 -25.77
C ILE B 45 -3.91 -12.74 -26.96
N ASP B 46 -4.85 -13.62 -26.66
CA ASP B 46 -5.57 -14.34 -27.70
C ASP B 46 -6.41 -13.43 -28.57
N SER B 47 -7.07 -12.46 -27.96
CA SER B 47 -7.86 -11.51 -28.76
C SER B 47 -7.04 -10.45 -29.50
N ASN B 48 -5.72 -10.38 -29.24
CA ASN B 48 -4.84 -9.41 -29.92
C ASN B 48 -3.72 -10.07 -30.70
N GLN B 49 -3.92 -11.33 -31.07
CA GLN B 49 -2.82 -12.13 -31.60
C GLN B 49 -2.35 -11.59 -32.95
N ALA B 50 -3.29 -11.04 -33.73
CA ALA B 50 -2.95 -10.40 -35.01
C ALA B 50 -2.04 -9.19 -34.84
N LYS B 51 -2.40 -8.33 -33.89
CA LYS B 51 -1.61 -7.17 -33.48
C LYS B 51 -0.21 -7.57 -32.93
N ILE B 52 -0.13 -8.63 -32.14
CA ILE B 52 1.16 -9.12 -31.63
C ILE B 52 2.02 -9.63 -32.79
N ASP B 53 1.39 -10.37 -33.70
CA ASP B 53 2.11 -10.98 -34.84
C ASP B 53 2.70 -9.91 -35.74
N SER B 54 1.94 -8.86 -36.03
CA SER B 54 2.46 -7.73 -36.81
C SER B 54 3.57 -7.01 -36.08
N TYR B 55 3.39 -6.82 -34.77
CA TYR B 55 4.38 -6.15 -33.94
C TYR B 55 5.72 -6.90 -33.99
N LEU B 56 5.70 -8.22 -33.86
CA LEU B 56 6.95 -9.00 -33.80
C LEU B 56 7.69 -9.05 -35.15
N SER B 57 6.93 -9.09 -36.22
CA SER B 57 7.53 -9.27 -37.55
C SER B 57 7.96 -7.96 -38.19
N GLY B 58 7.26 -6.88 -37.89
CA GLY B 58 7.47 -5.63 -38.59
C GLY B 58 7.91 -4.40 -37.80
N SER B 59 7.83 -4.43 -36.48
CA SER B 59 8.00 -3.21 -35.68
C SER B 59 9.33 -3.10 -34.95
N GLN B 60 9.87 -1.90 -34.88
CA GLN B 60 11.03 -1.63 -34.05
C GLN B 60 10.65 -1.08 -32.63
N LYS B 61 9.36 -1.03 -32.32
N LYS B 61 9.37 -0.99 -32.31
CA LYS B 61 8.91 -0.54 -31.02
CA LYS B 61 8.97 -0.43 -31.02
C LYS B 61 9.45 -1.38 -29.85
C LYS B 61 9.36 -1.34 -29.85
N GLY B 62 9.79 -0.70 -28.75
CA GLY B 62 10.30 -1.41 -27.57
C GLY B 62 9.24 -2.23 -26.86
N TYR B 63 8.00 -1.75 -26.91
CA TYR B 63 6.88 -2.38 -26.18
C TYR B 63 5.64 -2.41 -27.05
N LEU B 64 4.65 -3.17 -26.62
CA LEU B 64 3.33 -3.19 -27.24
C LEU B 64 2.25 -3.24 -26.14
N GLU B 65 1.27 -2.36 -26.29
CA GLU B 65 0.08 -2.31 -25.44
C GLU B 65 -1.00 -3.20 -26.00
N ILE B 66 -1.59 -4.07 -25.17
CA ILE B 66 -2.72 -4.83 -25.60
C ILE B 66 -3.78 -4.66 -24.54
N ASP B 67 -4.97 -4.33 -25.01
CA ASP B 67 -6.07 -4.00 -24.11
C ASP B 67 -7.09 -5.11 -24.10
N TYR B 68 -7.81 -5.18 -22.99
CA TYR B 68 -8.81 -6.19 -22.72
C TYR B 68 -10.05 -5.41 -22.30
N GLN B 69 -11.20 -5.73 -22.88
CA GLN B 69 -12.44 -5.12 -22.51
C GLN B 69 -13.42 -6.20 -22.06
N SER B 70 -14.15 -5.92 -20.98
CA SER B 70 -15.21 -6.82 -20.54
C SER B 70 -16.28 -6.05 -19.80
N ASN B 71 -17.35 -6.75 -19.38
CA ASN B 71 -18.39 -6.18 -18.55
C ASN B 71 -18.48 -6.93 -17.21
N VAL B 72 -17.39 -7.54 -16.74
CA VAL B 72 -17.35 -8.28 -15.47
C VAL B 72 -16.11 -7.81 -14.69
N PRO B 73 -16.28 -7.46 -13.41
CA PRO B 73 -15.14 -6.95 -12.63
C PRO B 73 -14.02 -7.95 -12.52
N ILE B 74 -12.81 -7.46 -12.77
CA ILE B 74 -11.60 -8.25 -12.66
C ILE B 74 -10.62 -7.69 -11.65
N GLY B 75 -10.99 -6.63 -10.93
CA GLY B 75 -10.13 -6.01 -9.98
C GLY B 75 -10.66 -4.66 -9.52
N ILE B 76 -9.75 -3.91 -8.90
CA ILE B 76 -10.06 -2.67 -8.21
C ILE B 76 -9.06 -1.59 -8.61
N SER B 77 -9.51 -0.36 -8.44
CA SER B 77 -8.71 0.82 -8.71
C SER B 77 -9.01 1.91 -7.70
N VAL B 78 -7.97 2.66 -7.35
CA VAL B 78 -8.11 3.86 -6.58
C VAL B 78 -7.40 5.00 -7.33
N SER B 79 -7.87 6.21 -7.04
CA SER B 79 -7.36 7.44 -7.66
C SER B 79 -6.96 8.50 -6.63
N ARG B 80 -5.95 9.29 -6.96
CA ARG B 80 -5.50 10.38 -6.11
C ARG B 80 -6.63 11.31 -5.72
N GLY B 81 -6.64 11.74 -4.47
CA GLY B 81 -7.64 12.69 -4.02
C GLY B 81 -8.87 12.09 -3.37
N SER B 82 -9.01 10.77 -3.42
CA SER B 82 -10.18 10.10 -2.90
C SER B 82 -9.82 8.75 -2.33
N THR B 83 -10.61 8.24 -1.39
CA THR B 83 -10.40 6.87 -0.91
C THR B 83 -11.39 5.88 -1.54
N ASN B 84 -12.25 6.34 -2.44
CA ASN B 84 -13.20 5.44 -3.06
C ASN B 84 -12.46 4.32 -3.84
N VAL B 85 -12.89 3.08 -3.64
CA VAL B 85 -12.36 1.93 -4.38
C VAL B 85 -13.34 1.56 -5.49
N SER B 86 -12.90 1.62 -6.74
CA SER B 86 -13.76 1.33 -7.89
C SER B 86 -13.55 -0.11 -8.37
N SER B 87 -14.63 -0.82 -8.73
CA SER B 87 -14.46 -2.10 -9.41
C SER B 87 -14.26 -1.79 -10.89
N VAL B 88 -13.41 -2.54 -11.54
CA VAL B 88 -13.06 -2.22 -12.92
C VAL B 88 -13.12 -3.49 -13.75
N THR B 89 -13.51 -3.34 -15.02
CA THR B 89 -13.79 -4.46 -15.89
C THR B 89 -12.80 -4.61 -17.08
N ASN B 90 -12.03 -3.56 -17.35
CA ASN B 90 -11.07 -3.59 -18.46
C ASN B 90 -9.64 -3.76 -17.94
N ALA B 91 -8.71 -4.04 -18.83
CA ALA B 91 -7.31 -4.20 -18.43
C ALA B 91 -6.33 -3.85 -19.51
N ARG B 92 -5.07 -3.73 -19.15
CA ARG B 92 -4.04 -3.40 -20.12
C ARG B 92 -2.88 -4.28 -19.75
N ILE B 93 -2.29 -4.89 -20.77
CA ILE B 93 -1.08 -5.66 -20.63
C ILE B 93 0.00 -5.00 -21.46
N ILE B 94 1.23 -4.94 -20.95
CA ILE B 94 2.34 -4.40 -21.74
C ILE B 94 3.31 -5.52 -21.98
N ILE B 95 3.66 -5.76 -23.23
CA ILE B 95 4.65 -6.77 -23.60
C ILE B 95 5.86 -6.13 -24.26
N ALA B 96 6.94 -6.87 -24.27
CA ALA B 96 8.14 -6.42 -24.95
C ALA B 96 8.71 -7.53 -25.79
N ARG B 97 9.28 -7.17 -26.94
N ARG B 97 9.26 -7.16 -26.94
CA ARG B 97 9.85 -8.15 -27.83
CA ARG B 97 9.93 -8.12 -27.80
C ARG B 97 11.04 -8.78 -27.12
C ARG B 97 10.99 -8.79 -26.97
N ASP B 98 11.08 -10.12 -27.09
CA ASP B 98 12.11 -10.88 -26.39
C ASP B 98 12.34 -12.21 -27.14
N PRO B 99 13.22 -12.17 -28.17
CA PRO B 99 13.43 -13.33 -29.04
C PRO B 99 13.69 -14.66 -28.30
N SER B 100 14.28 -14.59 -27.10
CA SER B 100 14.57 -15.77 -26.30
C SER B 100 13.35 -16.52 -25.73
N MSE B 101 12.17 -15.90 -25.75
CA MSE B 101 10.96 -16.55 -25.23
C MSE B 101 10.31 -17.35 -26.34
O MSE B 101 10.46 -17.02 -27.51
CB MSE B 101 9.97 -15.50 -24.71
CG MSE B 101 10.58 -14.60 -23.63
SE MSE B 101 10.46 -15.43 -21.84
CE MSE B 101 11.99 -14.50 -21.04
N PRO B 102 9.56 -18.41 -25.98
CA PRO B 102 8.90 -19.22 -27.02
C PRO B 102 7.89 -18.46 -27.90
N THR B 103 7.22 -17.48 -27.32
CA THR B 103 6.24 -16.67 -28.05
C THR B 103 6.88 -15.48 -28.76
N GLY B 104 8.14 -15.19 -28.42
CA GLY B 104 8.86 -14.04 -28.98
C GLY B 104 8.75 -12.76 -28.15
N TYR B 105 8.04 -12.82 -27.03
CA TYR B 105 7.83 -11.65 -26.18
C TYR B 105 7.78 -12.03 -24.70
N LYS B 106 7.99 -11.04 -23.84
CA LYS B 106 7.72 -11.23 -22.43
C LYS B 106 6.67 -10.23 -21.96
N ILE B 107 5.91 -10.62 -20.95
CA ILE B 107 4.96 -9.73 -20.32
C ILE B 107 5.70 -8.86 -19.31
N ILE B 108 5.67 -7.55 -19.57
CA ILE B 108 6.37 -6.61 -18.71
C ILE B 108 5.52 -6.33 -17.48
N THR B 109 4.26 -5.99 -17.71
CA THR B 109 3.32 -5.79 -16.60
C THR B 109 1.90 -5.80 -17.14
N GLY B 110 0.95 -5.68 -16.22
CA GLY B 110 -0.44 -5.56 -16.63
C GLY B 110 -1.29 -5.26 -15.40
N TYR B 111 -2.47 -4.67 -15.64
CA TYR B 111 -3.34 -4.28 -14.54
C TYR B 111 -4.69 -3.83 -15.04
N PRO B 112 -5.68 -3.76 -14.14
CA PRO B 112 -6.99 -3.28 -14.59
C PRO B 112 -6.95 -1.80 -14.95
N THR B 113 -7.85 -1.40 -15.85
CA THR B 113 -7.97 -0.01 -16.27
C THR B 113 -9.42 0.39 -16.20
N PRO B 114 -9.72 1.55 -15.62
CA PRO B 114 -11.12 1.99 -15.59
C PRO B 114 -11.62 2.31 -16.98
N GLU C 5 -21.48 -8.09 24.36
CA GLU C 5 -21.33 -8.78 25.68
C GLU C 5 -20.05 -9.64 25.74
N LYS C 6 -19.56 -10.11 24.59
CA LYS C 6 -18.30 -10.88 24.57
C LYS C 6 -17.04 -10.01 24.67
N TYR C 7 -17.09 -8.82 24.05
CA TYR C 7 -15.96 -7.87 23.98
C TYR C 7 -16.37 -6.48 24.45
N PRO C 8 -16.87 -6.37 25.68
CA PRO C 8 -17.39 -5.08 26.09
C PRO C 8 -16.38 -3.93 26.14
N TYR C 9 -15.13 -4.20 26.51
CA TYR C 9 -14.15 -3.15 26.56
C TYR C 9 -13.74 -2.63 25.14
N LEU C 10 -13.52 -3.54 24.19
CA LEU C 10 -13.14 -3.12 22.86
C LEU C 10 -14.38 -2.54 22.14
N SER C 11 -15.54 -3.15 22.34
CA SER C 11 -16.79 -2.57 21.83
C SER C 11 -16.99 -1.10 22.22
N TYR C 12 -16.63 -0.79 23.46
CA TYR C 12 -16.76 0.58 23.97
C TYR C 12 -15.90 1.56 23.17
N LEU C 13 -14.64 1.22 23.02
CA LEU C 13 -13.76 2.00 22.17
C LEU C 13 -14.33 2.15 20.74
N LEU C 14 -14.67 1.04 20.11
CA LEU C 14 -15.09 1.03 18.72
C LEU C 14 -16.44 1.70 18.44
N ARG C 15 -17.36 1.69 19.42
N ARG C 15 -17.37 1.68 19.41
CA ARG C 15 -18.70 2.24 19.21
CA ARG C 15 -18.70 2.24 19.21
C ARG C 15 -18.87 3.66 19.77
C ARG C 15 -18.88 3.65 19.77
N CYS C 16 -18.23 3.94 20.91
CA CYS C 16 -18.35 5.26 21.53
C CYS C 16 -17.29 6.24 21.05
N TYR C 17 -16.03 5.78 20.94
CA TYR C 17 -14.99 6.66 20.40
C TYR C 17 -14.99 6.71 18.86
N PHE C 18 -14.87 5.56 18.21
CA PHE C 18 -14.91 5.49 16.71
C PHE C 18 -16.35 5.47 16.24
N ASN C 19 -17.13 6.41 16.75
CA ASN C 19 -18.50 6.64 16.26
C ASN C 19 -18.44 7.30 14.88
N GLN C 20 -19.59 7.47 14.21
CA GLN C 20 -19.59 8.01 12.87
C GLN C 20 -18.98 9.40 12.78
N ASP C 21 -19.04 10.13 13.90
CA ASP C 21 -18.55 11.50 13.96
C ASP C 21 -17.13 11.61 14.54
N PHE C 22 -16.36 10.54 14.58
CA PHE C 22 -15.07 10.60 15.28
C PHE C 22 -14.08 11.64 14.72
N GLU C 23 -14.08 11.85 13.39
CA GLU C 23 -13.14 12.78 12.74
C GLU C 23 -13.48 14.25 13.11
N VAL C 24 -14.75 14.50 13.39
CA VAL C 24 -15.20 15.80 13.84
C VAL C 24 -14.96 15.99 15.35
N LEU C 25 -15.31 14.96 16.13
CA LEU C 25 -15.29 15.03 17.59
C LEU C 25 -13.88 14.95 18.16
N PHE C 26 -13.05 14.09 17.59
CA PHE C 26 -11.73 13.80 18.15
C PHE C 26 -10.61 14.14 17.17
N GLY C 27 -10.81 13.78 15.90
CA GLY C 27 -9.81 13.99 14.83
C GLY C 27 -9.49 12.66 14.17
N ASN C 28 -8.25 12.49 13.77
CA ASN C 28 -7.87 11.26 13.10
C ASN C 28 -7.83 10.08 14.08
N ALA C 29 -7.50 8.89 13.58
CA ALA C 29 -7.65 7.68 14.41
C ALA C 29 -6.72 7.73 15.61
N ASP C 30 -5.53 8.26 15.40
CA ASP C 30 -4.60 8.30 16.52
C ASP C 30 -5.01 9.34 17.55
N GLU C 31 -5.63 10.46 17.12
CA GLU C 31 -6.09 11.45 18.07
C GLU C 31 -7.31 10.87 18.84
N THR C 32 -8.08 10.02 18.18
CA THR C 32 -9.19 9.33 18.83
C THR C 32 -8.67 8.37 19.94
N LEU C 33 -7.62 7.61 19.63
CA LEU C 33 -6.98 6.73 20.61
C LEU C 33 -6.41 7.56 21.77
N ALA C 34 -5.77 8.69 21.45
CA ALA C 34 -5.26 9.58 22.48
C ALA C 34 -6.35 10.09 23.39
N ALA C 35 -7.53 10.42 22.84
CA ALA C 35 -8.63 10.90 23.65
C ALA C 35 -9.11 9.84 24.61
N TYR C 36 -9.27 8.62 24.14
CA TYR C 36 -9.65 7.48 24.98
C TYR C 36 -8.62 7.28 26.08
N LYS C 37 -7.35 7.30 25.71
CA LYS C 37 -6.28 7.13 26.71
C LYS C 37 -6.34 8.18 27.81
N ALA C 38 -6.57 9.44 27.44
CA ALA C 38 -6.61 10.52 28.41
C ALA C 38 -7.87 10.52 29.25
N THR C 39 -8.96 10.01 28.69
CA THR C 39 -10.25 10.10 29.34
C THR C 39 -10.53 8.94 30.29
N GLU C 40 -10.08 7.76 29.92
CA GLU C 40 -10.53 6.52 30.57
C GLU C 40 -9.45 6.10 31.59
N THR C 41 -9.86 5.31 32.56
CA THR C 41 -8.91 4.86 33.59
C THR C 41 -7.89 3.88 33.09
N ALA C 42 -6.82 3.74 33.87
CA ALA C 42 -5.80 2.76 33.55
C ALA C 42 -6.40 1.36 33.50
N GLU C 43 -7.30 1.05 34.43
CA GLU C 43 -7.92 -0.28 34.47
C GLU C 43 -8.80 -0.53 33.22
N GLU C 44 -9.49 0.50 32.77
CA GLU C 44 -10.32 0.36 31.56
C GLU C 44 -9.41 0.01 30.38
N ARG C 45 -8.30 0.72 30.25
N ARG C 45 -8.30 0.72 30.25
CA ARG C 45 -7.38 0.48 29.15
CA ARG C 45 -7.38 0.47 29.15
C ARG C 45 -6.78 -0.91 29.26
C ARG C 45 -6.78 -0.92 29.26
N LEU C 46 -6.49 -1.35 30.49
CA LEU C 46 -5.87 -2.66 30.73
C LEU C 46 -6.75 -3.78 30.29
N GLN C 47 -8.05 -3.65 30.61
CA GLN C 47 -9.04 -4.63 30.23
C GLN C 47 -9.27 -4.68 28.73
N MSE C 48 -9.24 -3.50 28.08
N MSE C 48 -9.23 -3.52 28.08
CA MSE C 48 -9.32 -3.40 26.61
CA MSE C 48 -9.32 -3.44 26.62
C MSE C 48 -8.13 -4.08 26.01
C MSE C 48 -8.12 -4.10 26.01
O MSE C 48 -8.27 -4.87 25.09
O MSE C 48 -8.26 -4.87 25.08
CB MSE C 48 -9.39 -1.92 26.17
CB MSE C 48 -9.44 -2.00 26.16
CG MSE C 48 -9.76 -1.79 24.71
CG MSE C 48 -9.94 -2.00 24.73
SE MSE C 48 -8.12 -1.72 23.60
SE MSE C 48 -9.64 -0.22 23.98
CE MSE C 48 -7.35 -0.07 24.31
CE MSE C 48 -7.66 -0.30 23.99
N LYS C 49 -6.94 -3.80 26.52
CA LYS C 49 -5.75 -4.52 26.03
C LYS C 49 -5.87 -6.05 26.17
N ALA C 50 -6.47 -6.54 27.26
CA ALA C 50 -6.67 -7.98 27.43
C ALA C 50 -7.57 -8.59 26.38
N GLU C 51 -8.57 -7.82 25.95
CA GLU C 51 -9.43 -8.26 24.87
C GLU C 51 -8.69 -8.34 23.55
N ILE C 52 -7.81 -7.38 23.30
CA ILE C 52 -6.96 -7.45 22.10
C ILE C 52 -6.11 -8.73 22.17
N ASP C 53 -5.46 -8.96 23.31
CA ASP C 53 -4.67 -10.23 23.48
C ASP C 53 -5.49 -11.48 23.21
N TYR C 54 -6.72 -11.49 23.72
CA TYR C 54 -7.66 -12.59 23.48
C TYR C 54 -7.99 -12.77 21.99
N LEU C 55 -8.34 -11.68 21.30
CA LEU C 55 -8.59 -11.74 19.87
C LEU C 55 -7.39 -12.23 19.07
N LEU C 56 -6.21 -11.75 19.42
CA LEU C 56 -5.00 -12.20 18.70
C LEU C 56 -4.71 -13.69 19.00
N ALA C 57 -5.05 -14.16 20.18
CA ALA C 57 -4.84 -15.58 20.53
C ALA C 57 -5.81 -16.56 19.84
N LEU C 58 -6.89 -16.04 19.27
CA LEU C 58 -7.80 -16.85 18.48
C LEU C 58 -7.17 -17.30 17.16
N SER C 59 -6.14 -16.58 16.72
CA SER C 59 -5.45 -16.92 15.48
C SER C 59 -6.39 -17.00 14.26
N LEU C 60 -7.16 -15.94 14.08
CA LEU C 60 -8.15 -15.87 13.01
C LEU C 60 -7.54 -15.42 11.71
N PRO C 61 -8.13 -15.83 10.58
CA PRO C 61 -7.73 -15.22 9.31
C PRO C 61 -8.16 -13.75 9.33
N ASP C 62 -7.44 -12.92 8.59
CA ASP C 62 -7.65 -11.48 8.59
C ASP C 62 -9.09 -11.08 8.32
N ASP C 63 -9.72 -11.72 7.33
CA ASP C 63 -11.07 -11.26 6.98
C ASP C 63 -12.07 -11.57 8.10
N GLU C 64 -11.80 -12.56 8.91
CA GLU C 64 -12.70 -12.88 10.02
C GLU C 64 -12.51 -11.87 11.14
N LEU C 65 -11.25 -11.54 11.45
CA LEU C 65 -11.00 -10.50 12.46
C LEU C 65 -11.62 -9.17 12.02
N GLN C 66 -11.48 -8.86 10.72
CA GLN C 66 -12.06 -7.64 10.20
C GLN C 66 -13.57 -7.66 10.38
N ASP C 67 -14.18 -8.78 10.11
CA ASP C 67 -15.66 -8.89 10.32
C ASP C 67 -16.06 -8.60 11.79
N ILE C 68 -15.24 -9.05 12.73
CA ILE C 68 -15.51 -8.78 14.15
C ILE C 68 -15.41 -7.28 14.40
N LEU C 69 -14.29 -6.67 13.97
CA LEU C 69 -14.02 -5.29 14.35
C LEU C 69 -14.98 -4.33 13.68
N LEU C 70 -15.21 -4.50 12.38
CA LEU C 70 -16.07 -3.61 11.62
C LEU C 70 -17.53 -3.90 11.72
N ASN C 71 -17.92 -5.17 11.77
CA ASN C 71 -19.32 -5.54 11.66
C ASN C 71 -19.92 -6.01 12.98
N LYS C 72 -19.28 -6.89 13.72
CA LYS C 72 -19.86 -7.29 15.02
C LYS C 72 -19.73 -6.16 16.04
N LEU C 73 -18.55 -5.56 16.11
CA LEU C 73 -18.30 -4.51 17.06
C LEU C 73 -18.61 -3.15 16.49
N ASP C 74 -18.84 -3.07 15.18
CA ASP C 74 -19.36 -1.88 14.49
C ASP C 74 -18.47 -0.63 14.54
N CYS C 75 -17.16 -0.82 14.46
CA CYS C 75 -16.23 0.32 14.38
C CYS C 75 -16.57 1.18 13.16
N SER C 76 -16.60 2.50 13.33
CA SER C 76 -16.90 3.40 12.19
C SER C 76 -15.67 3.87 11.45
N TYR C 77 -14.49 3.65 12.02
CA TYR C 77 -13.23 4.00 11.35
C TYR C 77 -12.85 2.85 10.43
N TYR C 78 -12.74 3.12 9.12
CA TYR C 78 -12.41 2.07 8.17
C TYR C 78 -10.91 1.95 8.12
N TYR C 79 -10.34 1.30 9.13
CA TYR C 79 -8.89 1.15 9.26
C TYR C 79 -8.22 0.43 8.06
N PRO C 80 -8.95 -0.40 7.28
CA PRO C 80 -8.27 -0.98 6.10
C PRO C 80 -7.79 0.04 5.05
N ASN C 81 -8.23 1.29 5.10
CA ASN C 81 -7.63 2.35 4.24
C ASN C 81 -6.17 2.63 4.58
N GLU C 82 -5.82 2.38 5.84
CA GLU C 82 -4.52 2.80 6.37
C GLU C 82 -3.69 1.69 6.97
N TRP C 83 -4.27 0.50 7.13
CA TRP C 83 -3.58 -0.59 7.82
C TRP C 83 -3.63 -1.86 6.95
N SER C 84 -2.49 -2.52 6.82
CA SER C 84 -2.31 -3.73 6.02
C SER C 84 -3.15 -4.90 6.52
N SER C 85 -3.42 -4.94 7.82
CA SER C 85 -4.22 -6.02 8.38
C SER C 85 -4.88 -5.62 9.67
N SER C 86 -5.93 -6.36 10.05
CA SER C 86 -6.60 -6.15 11.33
C SER C 86 -5.69 -6.42 12.50
N GLU C 87 -4.91 -7.50 12.43
CA GLU C 87 -3.92 -7.77 13.46
C GLU C 87 -2.95 -6.62 13.65
N GLU C 88 -2.43 -6.06 12.56
CA GLU C 88 -1.51 -4.95 12.72
C GLU C 88 -2.17 -3.72 13.36
N TRP C 89 -3.42 -3.43 13.00
CA TRP C 89 -4.10 -2.28 13.61
C TRP C 89 -4.29 -2.51 15.13
N LEU C 90 -4.72 -3.72 15.50
CA LEU C 90 -4.89 -4.05 16.92
C LEU C 90 -3.55 -3.93 17.68
N LYS C 91 -2.48 -4.42 17.09
CA LYS C 91 -1.12 -4.28 17.69
C LYS C 91 -0.72 -2.80 17.84
N HIS C 92 -1.16 -1.97 16.89
CA HIS C 92 -0.95 -0.53 16.96
C HIS C 92 -1.73 0.10 18.10
N ILE C 93 -3.02 -0.26 18.25
CA ILE C 93 -3.84 0.24 19.36
C ILE C 93 -3.10 -0.09 20.67
N TYR C 94 -2.68 -1.33 20.78
CA TYR C 94 -2.03 -1.86 21.99
C TYR C 94 -0.81 -1.01 22.36
N LYS C 95 0.04 -0.74 21.38
CA LYS C 95 1.21 0.08 21.58
C LYS C 95 0.92 1.55 21.82
N GLN C 96 -0.16 2.06 21.27
CA GLN C 96 -0.55 3.45 21.51
C GLN C 96 -0.99 3.67 22.97
N MSE C 97 -1.37 2.60 23.67
CA MSE C 97 -1.72 2.73 25.08
C MSE C 97 -0.49 2.69 26.00
O MSE C 97 -0.58 3.07 27.16
CB MSE C 97 -2.64 1.61 25.52
CG MSE C 97 -3.91 1.51 24.70
SE MSE C 97 -5.02 3.12 24.93
CE MSE C 97 -5.01 3.76 23.07
N ASN C 98 0.67 2.26 25.51
CA ASN C 98 1.85 2.10 26.40
C ASN C 98 2.46 3.42 26.80
N GLY D 2 -20.32 20.65 18.75
CA GLY D 2 -21.63 20.35 19.42
C GLY D 2 -22.77 20.14 18.43
N HIS D 3 -23.90 19.68 18.94
CA HIS D 3 -25.09 19.44 18.12
C HIS D 3 -24.79 18.51 16.95
N LEU D 4 -23.93 17.51 17.16
CA LEU D 4 -23.51 16.60 16.10
C LEU D 4 -24.66 15.77 15.55
N ILE D 5 -25.74 15.65 16.30
CA ILE D 5 -26.89 14.87 15.82
C ILE D 5 -27.49 15.51 14.54
N ASP D 6 -27.30 16.83 14.39
CA ASP D 6 -27.67 17.57 13.16
C ASP D 6 -27.02 17.02 11.89
N ARG D 7 -25.82 16.44 12.03
CA ARG D 7 -25.14 15.78 10.90
C ARG D 7 -25.88 14.55 10.41
N HIS D 8 -26.84 14.10 11.18
CA HIS D 8 -27.55 12.86 10.92
C HIS D 8 -29.05 13.04 10.91
N VAL D 9 -29.50 14.21 10.45
CA VAL D 9 -30.93 14.46 10.29
C VAL D 9 -31.19 15.01 8.88
N GLY D 10 -32.12 14.38 8.16
CA GLY D 10 -32.54 14.84 6.85
C GLY D 10 -31.48 14.86 5.76
N LYS D 11 -30.43 14.07 5.88
CA LYS D 11 -29.39 14.05 4.84
C LYS D 11 -29.86 13.26 3.62
N THR D 12 -29.39 13.65 2.46
CA THR D 12 -29.75 12.97 1.20
C THR D 12 -28.92 11.73 0.99
N GLU D 13 -29.40 10.87 0.10
CA GLU D 13 -28.65 9.67 -0.27
C GLU D 13 -27.29 10.04 -0.85
N ALA D 14 -27.24 11.14 -1.61
CA ALA D 14 -25.99 11.57 -2.24
C ALA D 14 -24.96 12.10 -1.23
N GLU D 15 -25.43 12.86 -0.24
CA GLU D 15 -24.57 13.40 0.81
C GLU D 15 -23.92 12.28 1.64
N LEU D 16 -24.72 11.27 2.00
CA LEU D 16 -24.24 10.11 2.75
C LEU D 16 -23.31 9.21 1.96
N LEU D 17 -23.62 8.99 0.69
CA LEU D 17 -22.72 8.22 -0.19
C LEU D 17 -21.40 8.94 -0.34
N ASN D 18 -21.42 10.26 -0.32
CA ASN D 18 -20.20 11.05 -0.37
C ASN D 18 -19.33 10.87 0.86
N ARG D 19 -19.95 10.70 2.03
CA ARG D 19 -19.17 10.51 3.25
C ARG D 19 -18.42 9.19 3.25
N VAL D 20 -18.99 8.15 2.61
CA VAL D 20 -18.35 6.84 2.58
C VAL D 20 -17.48 6.63 1.33
N SER D 21 -17.29 7.67 0.50
CA SER D 21 -16.32 7.63 -0.65
C SER D 21 -15.10 8.56 -0.51
N THR D 22 -15.04 9.30 0.58
CA THR D 22 -13.87 10.11 0.93
C THR D 22 -13.51 9.82 2.40
N GLY D 23 -12.29 10.14 2.81
CA GLY D 23 -11.87 9.97 4.19
C GLY D 23 -11.98 8.52 4.63
N ASN D 24 -12.25 8.30 5.90
CA ASN D 24 -12.08 6.95 6.44
C ASN D 24 -13.28 6.48 7.25
N VAL D 25 -14.46 7.01 7.00
CA VAL D 25 -15.68 6.58 7.72
C VAL D 25 -16.27 5.38 6.97
N LYS D 26 -16.65 4.34 7.72
CA LYS D 26 -17.11 3.07 7.18
C LYS D 26 -18.53 3.15 6.65
N SER D 27 -19.38 3.86 7.38
CA SER D 27 -20.75 4.00 6.92
C SER D 27 -21.34 5.28 7.46
N ALA D 28 -22.46 5.68 6.88
CA ALA D 28 -23.05 6.94 7.22
C ALA D 28 -24.57 6.79 7.19
N SER D 29 -25.24 7.32 8.19
CA SER D 29 -26.68 7.17 8.31
C SER D 29 -27.36 8.47 8.73
N SER D 30 -28.66 8.53 8.50
CA SER D 30 -29.41 9.73 8.76
C SER D 30 -30.86 9.39 9.08
N PHE D 31 -31.38 10.04 10.12
CA PHE D 31 -32.78 9.99 10.47
C PHE D 31 -33.57 10.65 9.36
N THR D 32 -34.81 10.19 9.17
CA THR D 32 -35.70 10.70 8.13
C THR D 32 -35.84 12.20 8.20
N ASP D 33 -36.16 12.69 9.40
CA ASP D 33 -36.35 14.11 9.64
C ASP D 33 -36.20 14.40 11.13
N ARG D 34 -36.30 15.69 11.51
CA ARG D 34 -36.17 16.16 12.89
C ARG D 34 -37.17 15.49 13.85
N THR D 35 -38.44 15.42 13.47
CA THR D 35 -39.45 14.80 14.32
C THR D 35 -39.08 13.37 14.69
N THR D 36 -38.57 12.65 13.69
CA THR D 36 -38.20 11.28 13.85
C THR D 36 -36.97 11.16 14.77
N ALA D 37 -35.96 11.99 14.53
CA ALA D 37 -34.74 12.00 15.35
C ALA D 37 -35.07 12.28 16.81
N GLU D 38 -35.96 13.25 17.04
CA GLU D 38 -36.33 13.64 18.40
C GLU D 38 -37.16 12.56 19.09
N ALA D 39 -38.10 11.95 18.36
CA ALA D 39 -38.90 10.87 18.90
C ALA D 39 -38.05 9.65 19.25
N VAL D 40 -37.14 9.27 18.35
CA VAL D 40 -36.29 8.12 18.60
C VAL D 40 -35.31 8.38 19.76
N THR D 41 -34.76 9.58 19.80
CA THR D 41 -33.85 9.96 20.88
C THR D 41 -34.56 9.84 22.25
N SER D 42 -35.76 10.41 22.33
CA SER D 42 -36.55 10.38 23.56
C SER D 42 -36.96 8.97 23.99
N LYS D 43 -37.39 8.14 23.04
CA LYS D 43 -37.71 6.74 23.33
C LYS D 43 -36.49 5.93 23.73
N ALA D 44 -35.35 6.21 23.11
CA ALA D 44 -34.10 5.53 23.45
C ALA D 44 -33.67 5.85 24.88
N ILE D 45 -33.76 7.12 25.25
CA ILE D 45 -33.47 7.52 26.62
C ILE D 45 -34.45 6.85 27.59
N ASP D 46 -35.73 6.89 27.26
CA ASP D 46 -36.76 6.38 28.19
C ASP D 46 -36.65 4.89 28.45
N SER D 47 -36.51 4.13 27.38
CA SER D 47 -36.35 2.68 27.49
C SER D 47 -35.00 2.26 28.08
N ASN D 48 -33.99 3.14 28.06
CA ASN D 48 -32.69 2.78 28.64
C ASN D 48 -32.42 3.46 29.99
N GLN D 49 -33.45 3.95 30.67
CA GLN D 49 -33.21 4.80 31.85
C GLN D 49 -32.42 4.03 32.94
N ALA D 50 -32.77 2.76 33.18
CA ALA D 50 -32.03 1.96 34.20
C ALA D 50 -30.56 1.73 33.84
N LYS D 51 -30.31 1.52 32.56
CA LYS D 51 -28.96 1.45 32.04
C LYS D 51 -28.20 2.76 32.25
N ILE D 52 -28.86 3.87 31.96
CA ILE D 52 -28.23 5.18 32.19
C ILE D 52 -27.88 5.38 33.68
N ASP D 53 -28.84 5.08 34.57
CA ASP D 53 -28.65 5.30 36.00
C ASP D 53 -27.49 4.47 36.53
N SER D 54 -27.41 3.23 36.08
CA SER D 54 -26.35 2.31 36.47
C SER D 54 -24.98 2.77 35.98
N TYR D 55 -24.96 3.25 34.75
CA TYR D 55 -23.74 3.84 34.18
C TYR D 55 -23.27 5.02 35.00
N LEU D 56 -24.17 5.95 35.25
CA LEU D 56 -23.79 7.13 36.02
C LEU D 56 -23.27 6.81 37.43
N SER D 57 -23.94 5.90 38.14
CA SER D 57 -23.58 5.60 39.53
C SER D 57 -22.45 4.57 39.67
N GLY D 58 -22.25 3.72 38.67
CA GLY D 58 -21.40 2.54 38.79
C GLY D 58 -20.11 2.54 38.00
N SER D 59 -20.05 3.40 36.97
CA SER D 59 -18.92 3.42 36.02
C SER D 59 -18.12 4.72 36.13
N GLN D 60 -16.90 4.71 35.62
CA GLN D 60 -16.13 5.92 35.40
C GLN D 60 -15.99 6.25 33.91
N LYS D 61 -16.66 5.49 33.03
CA LYS D 61 -16.47 5.67 31.58
C LYS D 61 -16.99 7.01 31.10
N GLY D 62 -16.26 7.61 30.16
CA GLY D 62 -16.59 8.93 29.69
C GLY D 62 -17.90 9.00 28.94
N TYR D 63 -18.30 7.89 28.32
CA TYR D 63 -19.44 7.82 27.40
C TYR D 63 -20.26 6.60 27.63
N LEU D 64 -21.46 6.63 27.10
CA LEU D 64 -22.36 5.50 27.12
C LEU D 64 -23.08 5.41 25.82
N GLU D 65 -23.11 4.20 25.27
CA GLU D 65 -23.98 3.88 24.12
C GLU D 65 -25.35 3.40 24.58
N ILE D 66 -26.40 4.01 24.05
CA ILE D 66 -27.76 3.45 24.25
C ILE D 66 -28.41 3.14 22.90
N ASP D 67 -29.09 2.00 22.84
CA ASP D 67 -29.62 1.54 21.58
C ASP D 67 -31.14 1.56 21.60
N TYR D 68 -31.70 1.80 20.43
CA TYR D 68 -33.12 1.83 20.21
C TYR D 68 -33.42 0.83 19.10
N GLN D 69 -34.43 -0.01 19.29
CA GLN D 69 -34.78 -1.02 18.31
C GLN D 69 -36.26 -0.84 17.94
N SER D 70 -36.58 -1.00 16.66
CA SER D 70 -37.98 -1.03 16.21
C SER D 70 -38.12 -1.80 14.91
N ASN D 71 -39.36 -1.91 14.45
CA ASN D 71 -39.70 -2.52 13.16
C ASN D 71 -40.22 -1.50 12.14
N VAL D 72 -40.17 -0.21 12.46
CA VAL D 72 -40.58 0.85 11.54
C VAL D 72 -39.33 1.58 11.04
N PRO D 73 -39.24 1.87 9.72
CA PRO D 73 -38.05 2.59 9.25
C PRO D 73 -37.99 3.98 9.86
N ILE D 74 -36.80 4.39 10.30
CA ILE D 74 -36.58 5.72 10.90
C ILE D 74 -35.50 6.52 10.19
N GLY D 75 -34.94 5.96 9.12
CA GLY D 75 -33.94 6.65 8.34
C GLY D 75 -33.26 5.70 7.38
N ILE D 76 -32.09 6.12 6.91
CA ILE D 76 -31.35 5.40 5.89
C ILE D 76 -29.88 5.28 6.28
N SER D 77 -29.20 4.33 5.65
CA SER D 77 -27.79 4.07 5.90
C SER D 77 -27.12 3.62 4.61
N VAL D 78 -25.86 4.01 4.46
CA VAL D 78 -25.02 3.53 3.37
C VAL D 78 -23.66 3.13 3.93
N SER D 79 -23.00 2.24 3.21
CA SER D 79 -21.75 1.68 3.66
C SER D 79 -20.72 1.73 2.56
N ARG D 80 -19.48 1.88 2.98
CA ARG D 80 -18.36 1.93 2.07
C ARG D 80 -18.31 0.63 1.27
N GLY D 81 -18.06 0.73 -0.03
CA GLY D 81 -17.94 -0.44 -0.90
C GLY D 81 -19.23 -0.88 -1.60
N SER D 82 -20.30 -0.10 -1.42
CA SER D 82 -21.59 -0.35 -2.09
C SER D 82 -22.41 0.93 -2.26
N THR D 83 -23.14 1.04 -3.37
CA THR D 83 -24.07 2.17 -3.54
C THR D 83 -25.48 1.88 -2.97
N ASN D 84 -25.68 0.71 -2.37
CA ASN D 84 -26.98 0.34 -1.80
C ASN D 84 -27.39 1.29 -0.67
N VAL D 85 -28.67 1.68 -0.65
CA VAL D 85 -29.21 2.48 0.44
C VAL D 85 -30.21 1.64 1.21
N SER D 86 -29.93 1.44 2.49
CA SER D 86 -30.76 0.60 3.34
C SER D 86 -31.70 1.48 4.13
N SER D 87 -32.97 1.07 4.19
CA SER D 87 -33.94 1.64 5.09
C SER D 87 -33.81 0.92 6.44
N VAL D 88 -33.53 1.67 7.52
CA VAL D 88 -33.15 1.07 8.80
C VAL D 88 -34.11 1.45 9.92
N THR D 89 -34.24 0.56 10.90
CA THR D 89 -35.27 0.68 11.94
C THR D 89 -34.72 0.85 13.36
N ASN D 90 -33.42 0.72 13.51
CA ASN D 90 -32.77 0.75 14.82
C ASN D 90 -31.90 2.01 14.91
N ALA D 91 -31.51 2.37 16.13
CA ALA D 91 -30.66 3.57 16.29
C ALA D 91 -29.70 3.42 17.47
N ARG D 92 -28.70 4.27 17.45
CA ARG D 92 -27.71 4.39 18.53
C ARG D 92 -27.60 5.86 18.92
N ILE D 93 -27.66 6.13 20.23
CA ILE D 93 -27.36 7.45 20.78
C ILE D 93 -26.11 7.34 21.66
N ILE D 94 -25.19 8.30 21.56
CA ILE D 94 -23.99 8.32 22.40
C ILE D 94 -24.13 9.52 23.34
N ILE D 95 -24.00 9.25 24.65
CA ILE D 95 -24.10 10.28 25.67
C ILE D 95 -22.75 10.34 26.40
N ALA D 96 -22.50 11.46 27.05
CA ALA D 96 -21.29 11.64 27.80
C ALA D 96 -21.68 12.06 29.21
N ARG D 97 -21.08 11.45 30.23
CA ARG D 97 -21.37 11.87 31.59
C ARG D 97 -20.97 13.32 31.78
N ASP D 98 -21.81 14.06 32.50
CA ASP D 98 -21.53 15.44 32.78
C ASP D 98 -22.34 15.82 34.00
N PRO D 99 -21.69 15.87 35.16
CA PRO D 99 -22.42 16.17 36.40
C PRO D 99 -23.10 17.53 36.47
N SER D 100 -22.69 18.46 35.62
CA SER D 100 -23.29 19.80 35.57
C SER D 100 -24.62 19.84 34.84
N MSE D 101 -25.00 18.76 34.16
CA MSE D 101 -26.29 18.69 33.46
C MSE D 101 -27.36 18.11 34.36
O MSE D 101 -27.11 17.20 35.15
CB MSE D 101 -26.25 17.79 32.21
CG MSE D 101 -25.34 18.31 31.10
SE MSE D 101 -26.23 19.90 30.30
CE MSE D 101 -24.97 21.26 30.94
N PRO D 102 -28.59 18.61 34.23
CA PRO D 102 -29.68 18.06 35.05
C PRO D 102 -29.85 16.52 34.93
N THR D 103 -29.71 15.94 33.74
CA THR D 103 -29.86 14.49 33.60
C THR D 103 -28.60 13.76 33.98
N GLY D 104 -27.51 14.49 34.20
CA GLY D 104 -26.24 13.83 34.49
C GLY D 104 -25.40 13.53 33.24
N TYR D 105 -25.91 13.84 32.06
CA TYR D 105 -25.19 13.62 30.82
C TYR D 105 -25.55 14.65 29.76
N LYS D 106 -24.68 14.75 28.75
CA LYS D 106 -25.01 15.46 27.54
C LYS D 106 -25.12 14.48 26.36
N ILE D 107 -26.02 14.76 25.45
CA ILE D 107 -26.07 13.96 24.25
C ILE D 107 -24.95 14.39 23.31
N ILE D 108 -24.18 13.43 22.87
CA ILE D 108 -23.05 13.70 21.97
C ILE D 108 -23.49 13.59 20.51
N THR D 109 -24.07 12.46 20.15
CA THR D 109 -24.59 12.26 18.79
C THR D 109 -25.55 11.11 18.78
N GLY D 110 -26.12 10.87 17.61
CA GLY D 110 -27.05 9.77 17.44
C GLY D 110 -27.39 9.58 15.97
N TYR D 111 -27.71 8.36 15.62
CA TYR D 111 -27.96 8.03 14.22
C TYR D 111 -28.54 6.66 14.04
N PRO D 112 -29.22 6.43 12.91
CA PRO D 112 -29.73 5.09 12.65
C PRO D 112 -28.65 4.05 12.46
N THR D 113 -28.96 2.82 12.85
CA THR D 113 -28.08 1.71 12.62
C THR D 113 -28.88 0.58 11.94
N PRO D 114 -28.21 -0.16 11.06
CA PRO D 114 -28.83 -1.32 10.41
C PRO D 114 -29.30 -2.34 11.43
N MSE E 1 31.44 -14.51 15.49
CA MSE E 1 31.49 -13.47 14.43
C MSE E 1 30.09 -12.96 14.30
O MSE E 1 29.16 -13.54 14.84
CB MSE E 1 32.00 -14.05 13.10
CG MSE E 1 31.06 -15.08 12.48
SE MSE E 1 31.79 -15.95 10.86
CE MSE E 1 33.08 -17.14 11.75
N ILE E 2 29.96 -11.86 13.60
N ILE E 2 29.94 -11.84 13.62
CA ILE E 2 28.67 -11.23 13.28
CA ILE E 2 28.61 -11.27 13.44
C ILE E 2 27.79 -12.24 12.55
C ILE E 2 27.79 -12.22 12.58
N ILE E 3 26.50 -12.21 12.83
CA ILE E 3 25.62 -13.25 12.33
C ILE E 3 25.59 -13.37 10.79
N ASN E 4 25.61 -12.24 10.10
N ASN E 4 25.63 -12.24 10.09
CA ASN E 4 25.57 -12.25 8.63
CA ASN E 4 25.61 -12.26 8.63
C ASN E 4 26.83 -12.87 8.00
C ASN E 4 26.82 -12.92 8.02
N GLU E 5 27.95 -12.84 8.72
CA GLU E 5 29.17 -13.47 8.24
C GLU E 5 29.19 -14.97 8.46
N LYS E 6 28.52 -15.46 9.49
CA LYS E 6 28.40 -16.92 9.73
C LYS E 6 27.22 -17.58 9.03
N TYR E 7 26.21 -16.78 8.74
CA TYR E 7 25.05 -17.30 8.03
C TYR E 7 24.90 -16.52 6.70
N PRO E 8 25.93 -16.56 5.83
CA PRO E 8 25.87 -15.76 4.63
C PRO E 8 24.76 -16.17 3.65
N TYR E 9 24.39 -17.45 3.63
CA TYR E 9 23.37 -17.91 2.68
C TYR E 9 21.99 -17.39 3.06
N LEU E 10 21.62 -17.52 4.31
CA LEU E 10 20.33 -17.03 4.77
C LEU E 10 20.36 -15.48 4.81
N SER E 11 21.49 -14.90 5.22
CA SER E 11 21.62 -13.44 5.16
C SER E 11 21.35 -12.87 3.76
N TYR E 12 21.88 -13.54 2.74
CA TYR E 12 21.70 -13.12 1.38
C TYR E 12 20.23 -13.10 1.00
N LEU E 13 19.52 -14.18 1.29
CA LEU E 13 18.07 -14.18 1.07
C LEU E 13 17.40 -13.01 1.81
N LEU E 14 17.68 -12.88 3.11
CA LEU E 14 16.92 -11.95 3.96
C LEU E 14 17.27 -10.49 3.71
N ARG E 15 18.49 -10.24 3.22
CA ARG E 15 18.95 -8.87 2.97
C ARG E 15 18.88 -8.42 1.49
N CYS E 16 19.20 -9.30 0.55
CA CYS E 16 19.16 -8.88 -0.85
C CYS E 16 17.79 -9.08 -1.45
N TYR E 17 17.07 -10.13 -1.04
CA TYR E 17 15.73 -10.34 -1.53
C TYR E 17 14.69 -9.68 -0.65
N PHE E 18 14.62 -10.07 0.62
CA PHE E 18 13.69 -9.46 1.55
C PHE E 18 14.26 -8.13 2.06
N ASN E 19 14.79 -7.31 1.15
CA ASN E 19 15.13 -5.89 1.44
C ASN E 19 13.82 -5.07 1.65
N GLN E 20 13.96 -3.79 2.01
CA GLN E 20 12.84 -2.91 2.31
C GLN E 20 11.87 -2.78 1.17
N ASP E 21 12.37 -3.02 -0.04
CA ASP E 21 11.60 -2.81 -1.25
C ASP E 21 11.13 -4.11 -1.87
N PHE E 22 11.15 -5.21 -1.13
CA PHE E 22 10.83 -6.50 -1.73
C PHE E 22 9.43 -6.54 -2.40
N GLU E 23 8.44 -5.87 -1.81
CA GLU E 23 7.07 -5.85 -2.38
C GLU E 23 7.05 -5.02 -3.65
N VAL E 24 7.82 -3.92 -3.67
CA VAL E 24 7.94 -3.07 -4.86
C VAL E 24 8.59 -3.84 -5.99
N LEU E 25 9.65 -4.58 -5.69
CA LEU E 25 10.46 -5.25 -6.71
C LEU E 25 9.88 -6.61 -7.13
N PHE E 26 9.34 -7.36 -6.18
CA PHE E 26 8.89 -8.75 -6.46
C PHE E 26 7.40 -8.93 -6.31
N GLY E 27 6.68 -7.99 -5.69
CA GLY E 27 5.23 -8.13 -5.57
C GLY E 27 4.75 -8.59 -4.20
N ASN E 28 5.15 -9.80 -3.80
CA ASN E 28 4.81 -10.33 -2.46
C ASN E 28 5.88 -11.34 -1.97
N ALA E 29 5.70 -11.88 -0.77
CA ALA E 29 6.76 -12.69 -0.16
C ALA E 29 7.00 -14.01 -0.89
N ASP E 30 5.92 -14.67 -1.31
CA ASP E 30 6.07 -15.92 -2.04
C ASP E 30 6.67 -15.73 -3.42
N GLU E 31 6.38 -14.62 -4.09
N GLU E 31 6.38 -14.59 -4.03
CA GLU E 31 7.03 -14.37 -5.39
CA GLU E 31 6.95 -14.24 -5.33
C GLU E 31 8.49 -13.92 -5.20
C GLU E 31 8.44 -13.91 -5.19
N THR E 32 8.82 -13.39 -4.03
CA THR E 32 10.22 -13.09 -3.70
C THR E 32 10.99 -14.41 -3.58
N LEU E 33 10.38 -15.38 -2.89
CA LEU E 33 11.01 -16.74 -2.82
C LEU E 33 11.12 -17.39 -4.19
N ALA E 34 10.07 -17.25 -5.02
CA ALA E 34 10.11 -17.79 -6.38
C ALA E 34 11.25 -17.15 -7.20
N ALA E 35 11.49 -15.86 -7.01
CA ALA E 35 12.53 -15.16 -7.77
C ALA E 35 13.92 -15.63 -7.35
N TYR E 36 14.11 -15.78 -6.04
CA TYR E 36 15.35 -16.37 -5.51
C TYR E 36 15.57 -17.77 -6.12
N LYS E 37 14.54 -18.60 -6.11
CA LYS E 37 14.69 -19.96 -6.62
C LYS E 37 15.03 -20.00 -8.11
N ALA E 38 14.43 -19.11 -8.88
CA ALA E 38 14.69 -19.02 -10.32
C ALA E 38 16.03 -18.36 -10.63
N THR E 39 16.48 -17.46 -9.78
CA THR E 39 17.69 -16.68 -10.09
C THR E 39 18.98 -17.37 -9.64
N GLU E 40 18.94 -18.02 -8.49
CA GLU E 40 20.17 -18.57 -7.88
C GLU E 40 20.41 -20.06 -8.23
N THR E 41 21.65 -20.48 -8.06
CA THR E 41 22.00 -21.86 -8.39
C THR E 41 21.38 -22.86 -7.43
N ALA E 42 21.26 -24.10 -7.86
CA ALA E 42 20.88 -25.18 -6.99
C ALA E 42 21.81 -25.24 -5.78
N GLU E 43 23.11 -25.03 -5.97
CA GLU E 43 24.02 -25.14 -4.83
C GLU E 43 23.78 -24.02 -3.79
N GLU E 44 23.48 -22.81 -4.25
CA GLU E 44 23.16 -21.70 -3.33
C GLU E 44 21.96 -22.09 -2.47
N ARG E 45 20.91 -22.64 -3.07
N ARG E 45 20.92 -22.64 -3.09
CA ARG E 45 19.71 -22.99 -2.34
CA ARG E 45 19.72 -23.04 -2.36
C ARG E 45 19.97 -24.16 -1.38
C ARG E 45 20.02 -24.14 -1.37
N LEU E 46 20.84 -25.09 -1.79
CA LEU E 46 21.23 -26.25 -0.96
C LEU E 46 21.87 -25.79 0.35
N GLN E 47 22.79 -24.84 0.22
CA GLN E 47 23.52 -24.33 1.38
C GLN E 47 22.60 -23.49 2.26
N MSE E 48 21.69 -22.73 1.65
N MSE E 48 21.69 -22.72 1.64
CA MSE E 48 20.79 -21.94 2.45
CA MSE E 48 20.75 -21.92 2.41
C MSE E 48 19.88 -22.82 3.28
C MSE E 48 19.86 -22.81 3.26
O MSE E 48 19.63 -22.54 4.45
O MSE E 48 19.63 -22.51 4.43
CB MSE E 48 19.98 -21.04 1.56
CB MSE E 48 19.90 -21.11 1.43
CG MSE E 48 19.38 -20.01 2.48
CG MSE E 48 19.13 -20.04 2.18
SE MSE E 48 17.93 -19.25 1.47
SE MSE E 48 17.32 -20.69 2.59
CE MSE E 48 17.02 -20.92 0.93
CE MSE E 48 16.51 -20.63 0.79
N LYS E 49 19.38 -23.90 2.68
CA LYS E 49 18.53 -24.84 3.43
C LYS E 49 19.28 -25.42 4.65
N ALA E 50 20.54 -25.74 4.45
CA ALA E 50 21.33 -26.28 5.53
C ALA E 50 21.41 -25.25 6.69
N GLU E 51 21.59 -23.96 6.36
CA GLU E 51 21.55 -22.90 7.38
C GLU E 51 20.21 -22.84 8.10
N ILE E 52 19.11 -22.93 7.36
CA ILE E 52 17.84 -23.03 8.02
C ILE E 52 17.80 -24.17 9.04
N ASP E 53 18.29 -25.35 8.65
CA ASP E 53 18.24 -26.49 9.58
C ASP E 53 19.13 -26.31 10.82
N TYR E 54 20.25 -25.58 10.70
CA TYR E 54 21.05 -25.22 11.91
C TYR E 54 20.23 -24.38 12.89
N LEU E 55 19.30 -23.56 12.39
CA LEU E 55 18.40 -22.84 13.28
C LEU E 55 17.27 -23.72 13.83
N LEU E 56 16.57 -24.42 12.94
CA LEU E 56 15.46 -25.25 13.39
C LEU E 56 15.87 -26.33 14.41
N ALA E 57 17.04 -26.90 14.24
CA ALA E 57 17.50 -27.98 15.10
C ALA E 57 17.58 -27.59 16.58
N LEU E 58 17.70 -26.30 16.85
CA LEU E 58 17.86 -25.78 18.18
C LEU E 58 16.57 -25.69 18.97
N SER E 59 15.40 -25.76 18.31
CA SER E 59 14.07 -25.61 18.96
C SER E 59 14.03 -24.42 19.90
N LEU E 60 14.43 -23.28 19.34
CA LEU E 60 14.43 -22.04 20.07
C LEU E 60 13.03 -21.57 20.40
N PRO E 61 12.87 -20.90 21.54
CA PRO E 61 11.66 -20.12 21.78
C PRO E 61 11.35 -19.20 20.61
N ASP E 62 10.07 -19.10 20.29
CA ASP E 62 9.69 -18.34 19.13
C ASP E 62 10.16 -16.90 19.18
N ASP E 63 10.08 -16.24 20.35
CA ASP E 63 10.53 -14.85 20.44
C ASP E 63 12.02 -14.67 20.12
N GLU E 64 12.86 -15.63 20.54
CA GLU E 64 14.28 -15.54 20.17
C GLU E 64 14.54 -15.84 18.69
N LEU E 65 13.83 -16.81 18.10
CA LEU E 65 13.98 -17.08 16.69
C LEU E 65 13.52 -15.88 15.85
N GLN E 66 12.45 -15.26 16.29
CA GLN E 66 11.94 -14.06 15.61
C GLN E 66 12.97 -12.95 15.67
N ASP E 67 13.61 -12.79 16.82
CA ASP E 67 14.62 -11.75 16.98
C ASP E 67 15.80 -12.01 16.05
N ILE E 68 16.19 -13.28 15.93
CA ILE E 68 17.26 -13.63 14.99
C ILE E 68 16.92 -13.25 13.55
N LEU E 69 15.71 -13.60 13.12
CA LEU E 69 15.34 -13.46 11.70
C LEU E 69 15.12 -11.98 11.37
N LEU E 70 14.39 -11.29 12.24
CA LEU E 70 14.00 -9.88 11.94
C LEU E 70 15.08 -8.87 12.28
N ASN E 71 15.72 -9.04 13.45
CA ASN E 71 16.58 -8.01 13.98
C ASN E 71 18.04 -8.31 13.77
N LYS E 72 18.45 -9.56 13.92
CA LYS E 72 19.89 -9.84 13.79
C LYS E 72 20.26 -10.02 12.32
N LEU E 73 19.57 -10.92 11.64
CA LEU E 73 19.79 -11.14 10.19
C LEU E 73 19.17 -10.00 9.37
N ASP E 74 18.24 -9.29 9.97
CA ASP E 74 17.66 -8.05 9.40
C ASP E 74 16.67 -8.26 8.24
N CYS E 75 15.90 -9.33 8.30
CA CYS E 75 14.84 -9.50 7.32
C CYS E 75 13.88 -8.31 7.38
N SER E 76 13.47 -7.76 6.25
CA SER E 76 12.54 -6.57 6.25
C SER E 76 11.09 -6.98 6.20
N TYR E 77 10.82 -8.19 5.75
CA TYR E 77 9.45 -8.72 5.71
C TYR E 77 8.93 -9.07 7.10
N TYR E 78 7.86 -8.40 7.53
CA TYR E 78 7.30 -8.67 8.84
C TYR E 78 6.34 -9.87 8.72
N TYR E 79 6.95 -11.03 8.64
CA TYR E 79 6.22 -12.30 8.49
C TYR E 79 5.27 -12.69 9.66
N PRO E 80 5.44 -12.14 10.88
CA PRO E 80 4.55 -12.61 11.95
C PRO E 80 3.04 -12.37 11.77
N ASN E 81 2.64 -11.38 10.99
CA ASN E 81 1.20 -11.18 10.77
C ASN E 81 0.55 -12.17 9.81
N GLU E 82 1.39 -12.88 9.04
CA GLU E 82 0.96 -13.91 8.09
C GLU E 82 1.27 -15.35 8.52
N TRP E 83 2.33 -15.53 9.34
CA TRP E 83 2.79 -16.84 9.80
C TRP E 83 2.68 -16.91 11.33
N SER E 84 2.07 -17.96 11.86
CA SER E 84 1.83 -18.02 13.29
C SER E 84 3.09 -18.30 14.12
N SER E 85 4.15 -18.82 13.48
CA SER E 85 5.48 -18.88 14.14
C SER E 85 6.62 -18.69 13.14
N SER E 86 7.81 -18.40 13.69
CA SER E 86 9.01 -18.28 12.90
C SER E 86 9.43 -19.67 12.40
N GLU E 87 9.21 -20.70 13.23
CA GLU E 87 9.45 -22.06 12.80
C GLU E 87 8.61 -22.37 11.56
N GLU E 88 7.33 -22.03 11.58
N GLU E 88 7.32 -22.01 11.60
CA GLU E 88 6.50 -22.35 10.42
CA GLU E 88 6.44 -22.23 10.45
C GLU E 88 6.90 -21.56 9.17
C GLU E 88 6.95 -21.58 9.18
N TRP E 89 7.35 -20.31 9.31
CA TRP E 89 7.85 -19.57 8.14
C TRP E 89 9.14 -20.16 7.57
N LEU E 90 10.10 -20.49 8.43
CA LEU E 90 11.28 -21.15 7.95
C LEU E 90 10.98 -22.53 7.26
N LYS E 91 10.09 -23.33 7.84
CA LYS E 91 9.72 -24.59 7.20
C LYS E 91 9.06 -24.36 5.85
N HIS E 92 8.31 -23.27 5.73
CA HIS E 92 7.71 -22.90 4.46
C HIS E 92 8.76 -22.55 3.41
N ILE E 93 9.76 -21.77 3.80
CA ILE E 93 10.87 -21.41 2.86
C ILE E 93 11.56 -22.70 2.43
N TYR E 94 11.83 -23.56 3.40
CA TYR E 94 12.48 -24.84 3.13
C TYR E 94 11.69 -25.67 2.13
N LYS E 95 10.40 -25.80 2.40
CA LYS E 95 9.50 -26.57 1.54
C LYS E 95 9.42 -25.98 0.12
N GLN E 96 9.31 -24.66 0.04
CA GLN E 96 9.28 -23.98 -1.28
C GLN E 96 10.52 -24.27 -2.11
N MSE E 97 11.67 -24.45 -1.47
CA MSE E 97 12.86 -24.75 -2.25
C MSE E 97 12.84 -26.12 -2.86
O MSE E 97 13.49 -26.33 -3.87
CB MSE E 97 14.13 -24.55 -1.44
CG MSE E 97 14.28 -23.14 -0.91
SE MSE E 97 14.36 -21.77 -2.36
CE MSE E 97 12.59 -20.93 -2.11
N ASN E 98 12.07 -27.07 -2.28
CA ASN E 98 12.03 -28.47 -2.76
C ASN E 98 10.82 -28.81 -3.65
N HIS E 99 9.96 -27.82 -3.91
CA HIS E 99 8.91 -27.95 -4.91
C HIS E 99 9.53 -27.95 -6.31
N GLY F 1 17.83 2.09 -14.99
CA GLY F 1 16.95 2.25 -13.80
C GLY F 1 17.19 3.54 -13.02
N GLY F 2 16.37 3.78 -12.00
CA GLY F 2 16.51 4.96 -11.14
C GLY F 2 16.86 4.62 -9.71
N HIS F 3 17.16 3.35 -9.46
CA HIS F 3 17.62 2.89 -8.14
C HIS F 3 16.61 3.13 -7.02
N LEU F 4 15.33 3.18 -7.36
CA LEU F 4 14.32 3.58 -6.36
C LEU F 4 14.62 4.86 -5.53
N ILE F 5 15.31 5.82 -6.12
CA ILE F 5 15.68 7.01 -5.39
C ILE F 5 14.42 7.77 -4.95
N ASP F 6 13.47 7.97 -5.84
CA ASP F 6 12.29 8.79 -5.47
C ASP F 6 11.59 8.20 -4.26
N ARG F 7 11.59 6.87 -4.16
CA ARG F 7 10.96 6.15 -3.06
C ARG F 7 11.71 6.42 -1.76
N HIS F 8 13.03 6.62 -1.87
CA HIS F 8 13.87 6.87 -0.68
C HIS F 8 14.56 8.27 -0.64
N VAL F 9 13.89 9.32 -1.15
CA VAL F 9 14.36 10.72 -0.94
C VAL F 9 13.25 11.68 -0.50
N GLY F 10 13.57 12.54 0.45
CA GLY F 10 12.67 13.59 0.91
C GLY F 10 11.37 13.17 1.55
N LYS F 11 11.24 11.91 1.94
CA LYS F 11 9.99 11.46 2.54
C LYS F 11 9.88 12.01 3.94
N THR F 12 8.68 12.39 4.31
CA THR F 12 8.44 12.84 5.67
C THR F 12 8.29 11.64 6.59
N GLU F 13 8.38 11.89 7.89
CA GLU F 13 8.15 10.87 8.92
C GLU F 13 6.76 10.28 8.72
N ALA F 14 5.78 11.14 8.46
CA ALA F 14 4.39 10.68 8.32
C ALA F 14 4.24 9.76 7.10
N GLU F 15 4.92 10.10 6.01
CA GLU F 15 4.93 9.25 4.81
C GLU F 15 5.59 7.89 5.08
N LEU F 16 6.72 7.90 5.78
CA LEU F 16 7.39 6.64 6.10
C LEU F 16 6.55 5.79 7.06
N LEU F 17 5.91 6.43 8.02
CA LEU F 17 4.99 5.69 8.89
C LEU F 17 3.79 5.06 8.16
N ASN F 18 3.22 5.79 7.20
N ASN F 18 3.23 5.78 7.20
CA ASN F 18 2.13 5.25 6.38
CA ASN F 18 2.16 5.22 6.37
C ASN F 18 2.62 4.09 5.51
C ASN F 18 2.65 4.06 5.55
N ARG F 19 3.87 4.18 5.04
CA ARG F 19 4.47 3.10 4.29
C ARG F 19 4.57 1.84 5.13
N VAL F 20 5.03 2.00 6.37
CA VAL F 20 5.18 0.86 7.26
C VAL F 20 3.79 0.26 7.63
N SER F 21 2.81 1.11 7.90
CA SER F 21 1.45 0.63 8.27
C SER F 21 0.68 -0.11 7.18
N THR F 22 0.93 0.29 5.94
CA THR F 22 0.14 -0.24 4.80
C THR F 22 0.86 -1.38 4.10
N GLY F 23 2.13 -1.55 4.41
CA GLY F 23 2.93 -2.59 3.81
C GLY F 23 3.16 -3.75 4.76
N ASN F 24 4.01 -4.64 4.32
CA ASN F 24 4.39 -5.81 5.09
C ASN F 24 5.86 -5.77 5.48
N VAL F 25 6.38 -4.57 5.60
CA VAL F 25 7.77 -4.33 5.92
C VAL F 25 7.92 -3.80 7.35
N LYS F 26 9.03 -4.11 8.04
CA LYS F 26 9.16 -3.71 9.45
C LYS F 26 9.71 -2.30 9.67
N SER F 27 10.28 -1.72 8.61
CA SER F 27 10.82 -0.39 8.70
C SER F 27 10.79 0.27 7.32
N ALA F 28 10.97 1.59 7.34
CA ALA F 28 10.99 2.39 6.13
C ALA F 28 12.02 3.50 6.32
N SER F 29 12.74 3.87 5.28
CA SER F 29 13.74 4.93 5.39
C SER F 29 13.90 5.74 4.15
N SER F 30 14.53 6.91 4.30
CA SER F 30 14.65 7.88 3.19
C SER F 30 15.89 8.72 3.42
N PHE F 31 16.69 8.90 2.37
CA PHE F 31 17.74 9.87 2.36
C PHE F 31 17.15 11.26 2.45
N THR F 32 17.95 12.18 2.94
CA THR F 32 17.50 13.55 3.13
C THR F 32 17.01 14.18 1.85
N ASP F 33 17.79 14.03 0.77
CA ASP F 33 17.46 14.64 -0.50
C ASP F 33 18.20 13.91 -1.59
N ARG F 34 17.87 14.25 -2.84
CA ARG F 34 18.46 13.59 -4.00
C ARG F 34 19.98 13.76 -4.07
N THR F 35 20.49 14.93 -3.74
N THR F 35 20.49 14.94 -3.77
CA THR F 35 21.92 15.18 -3.76
CA THR F 35 21.96 15.12 -3.80
C THR F 35 22.71 14.32 -2.74
C THR F 35 22.64 14.15 -2.81
N THR F 36 22.09 14.06 -1.59
CA THR F 36 22.65 13.15 -0.59
C THR F 36 22.59 11.69 -1.08
N ALA F 37 21.46 11.28 -1.66
CA ALA F 37 21.31 9.91 -2.14
C ALA F 37 22.36 9.62 -3.20
N GLU F 38 22.49 10.54 -4.13
CA GLU F 38 23.50 10.40 -5.19
C GLU F 38 24.93 10.35 -4.64
N ALA F 39 25.23 11.24 -3.69
CA ALA F 39 26.59 11.30 -3.12
C ALA F 39 26.92 10.02 -2.38
N VAL F 40 25.97 9.56 -1.58
CA VAL F 40 26.17 8.36 -0.76
C VAL F 40 26.31 7.11 -1.64
N THR F 41 25.46 7.03 -2.66
CA THR F 41 25.51 5.90 -3.59
C THR F 41 26.88 5.84 -4.26
N SER F 42 27.33 6.99 -4.77
CA SER F 42 28.64 7.05 -5.42
C SER F 42 29.81 6.70 -4.48
N LYS F 43 29.79 7.22 -3.25
CA LYS F 43 30.82 6.81 -2.27
C LYS F 43 30.76 5.31 -1.95
N ALA F 44 29.55 4.76 -1.82
CA ALA F 44 29.41 3.32 -1.54
C ALA F 44 30.02 2.51 -2.68
N ILE F 45 29.72 2.91 -3.91
CA ILE F 45 30.27 2.22 -5.09
C ILE F 45 31.79 2.33 -5.12
N ASP F 46 32.30 3.54 -4.97
CA ASP F 46 33.74 3.80 -5.19
C ASP F 46 34.58 3.15 -4.07
N SER F 47 34.08 3.13 -2.83
CA SER F 47 34.83 2.49 -1.76
C SER F 47 34.71 0.96 -1.72
N ASN F 48 33.79 0.39 -2.49
CA ASN F 48 33.62 -1.06 -2.52
C ASN F 48 33.98 -1.68 -3.87
N GLN F 49 34.85 -1.03 -4.63
N GLN F 49 34.85 -1.02 -4.61
CA GLN F 49 35.12 -1.52 -5.97
CA GLN F 49 35.22 -1.46 -5.95
C GLN F 49 35.80 -2.88 -5.98
C GLN F 49 35.78 -2.87 -5.96
N ALA F 50 36.69 -3.16 -5.03
CA ALA F 50 37.35 -4.46 -4.97
C ALA F 50 36.30 -5.57 -4.71
N LYS F 51 35.37 -5.29 -3.81
CA LYS F 51 34.29 -6.22 -3.48
C LYS F 51 33.39 -6.45 -4.68
N ILE F 52 33.05 -5.38 -5.38
CA ILE F 52 32.27 -5.48 -6.59
C ILE F 52 33.00 -6.28 -7.66
N ASP F 53 34.29 -6.00 -7.85
CA ASP F 53 35.06 -6.70 -8.87
C ASP F 53 35.08 -8.21 -8.63
N SER F 54 35.23 -8.61 -7.38
CA SER F 54 35.29 -10.06 -7.03
C SER F 54 33.93 -10.73 -7.20
N TYR F 55 32.89 -10.01 -6.84
CA TYR F 55 31.55 -10.49 -7.06
C TYR F 55 31.30 -10.72 -8.55
N LEU F 56 31.73 -9.79 -9.39
CA LEU F 56 31.47 -9.93 -10.82
C LEU F 56 32.24 -11.08 -11.43
N SER F 57 33.47 -11.32 -10.99
CA SER F 57 34.26 -12.41 -11.58
C SER F 57 34.19 -13.77 -10.87
N GLY F 58 33.96 -13.79 -9.56
CA GLY F 58 34.03 -15.04 -8.79
C GLY F 58 32.74 -15.56 -8.18
N SER F 59 31.59 -15.03 -8.59
CA SER F 59 30.32 -15.45 -8.01
C SER F 59 29.34 -15.57 -9.16
N GLN F 60 28.27 -16.35 -8.98
CA GLN F 60 27.13 -16.31 -9.91
C GLN F 60 25.87 -15.80 -9.22
N LYS F 61 25.99 -15.26 -8.02
CA LYS F 61 24.82 -14.73 -7.32
C LYS F 61 24.14 -13.59 -8.10
N GLY F 62 22.81 -13.52 -8.03
CA GLY F 62 22.03 -12.52 -8.74
C GLY F 62 22.24 -11.10 -8.27
N TYR F 63 22.55 -10.94 -6.98
CA TYR F 63 22.67 -9.63 -6.33
C TYR F 63 23.87 -9.56 -5.39
N LEU F 64 24.28 -8.33 -5.09
CA LEU F 64 25.31 -8.04 -4.11
C LEU F 64 24.85 -6.86 -3.26
N GLU F 65 24.96 -7.01 -1.96
CA GLU F 65 24.78 -5.90 -1.03
C GLU F 65 26.10 -5.21 -0.72
N ILE F 66 26.13 -3.89 -0.90
CA ILE F 66 27.23 -3.07 -0.43
C ILE F 66 26.76 -2.09 0.67
N ASP F 67 27.63 -1.81 1.62
CA ASP F 67 27.27 -1.00 2.77
C ASP F 67 28.12 0.27 2.82
N TYR F 68 27.51 1.33 3.33
CA TYR F 68 28.15 2.61 3.51
C TYR F 68 27.99 2.96 4.98
N GLN F 69 29.10 3.43 5.57
CA GLN F 69 29.13 3.84 6.97
C GLN F 69 29.60 5.29 7.02
N SER F 70 28.91 6.12 7.78
CA SER F 70 29.43 7.45 8.13
C SER F 70 29.05 7.78 9.54
N ASN F 71 29.54 8.93 10.00
CA ASN F 71 29.17 9.52 11.29
C ASN F 71 28.26 10.75 11.11
N VAL F 72 27.96 11.09 9.84
CA VAL F 72 27.12 12.23 9.49
C VAL F 72 25.74 11.71 9.11
N PRO F 73 24.68 12.30 9.66
CA PRO F 73 23.32 11.89 9.28
C PRO F 73 23.03 12.07 7.80
N ILE F 74 22.44 11.08 7.17
CA ILE F 74 22.13 11.11 5.73
C ILE F 74 20.66 10.85 5.43
N GLY F 75 19.86 10.70 6.47
CA GLY F 75 18.47 10.37 6.27
C GLY F 75 17.78 9.98 7.56
N ILE F 76 16.57 9.49 7.42
CA ILE F 76 15.76 9.08 8.53
C ILE F 76 15.18 7.69 8.34
N SER F 77 14.80 7.08 9.44
CA SER F 77 14.23 5.74 9.42
C SER F 77 13.15 5.63 10.49
N VAL F 78 12.13 4.83 10.23
CA VAL F 78 11.09 4.52 11.20
C VAL F 78 10.80 3.04 11.18
N SER F 79 10.19 2.56 12.26
CA SER F 79 9.92 1.14 12.39
C SER F 79 8.56 0.94 12.96
N ARG F 80 8.01 -0.24 12.71
CA ARG F 80 6.70 -0.56 13.24
C ARG F 80 6.71 -0.57 14.76
N GLY F 81 5.54 -0.43 15.35
CA GLY F 81 5.39 -0.41 16.80
C GLY F 81 6.05 0.78 17.44
N SER F 82 6.17 1.87 16.69
CA SER F 82 6.79 3.08 17.18
C SER F 82 6.51 4.23 16.22
N THR F 83 6.06 5.36 16.76
CA THR F 83 5.85 6.56 15.98
C THR F 83 7.08 7.49 16.03
N ASN F 84 8.20 6.94 16.52
CA ASN F 84 9.45 7.67 16.61
C ASN F 84 10.23 7.60 15.30
N VAL F 85 11.00 8.62 15.02
CA VAL F 85 11.83 8.66 13.82
C VAL F 85 13.28 8.77 14.28
N SER F 86 14.18 8.05 13.61
CA SER F 86 15.62 8.07 13.93
C SER F 86 16.40 8.74 12.79
N SER F 87 17.42 9.53 13.14
CA SER F 87 18.46 9.95 12.21
C SER F 87 19.43 8.82 12.03
N VAL F 88 19.82 8.55 10.78
CA VAL F 88 20.71 7.45 10.47
C VAL F 88 21.86 7.90 9.57
N THR F 89 22.95 7.18 9.70
CA THR F 89 24.23 7.55 9.12
C THR F 89 24.76 6.52 8.12
N ASN F 90 24.07 5.39 8.02
CA ASN F 90 24.54 4.26 7.27
C ASN F 90 23.56 3.98 6.12
N ALA F 91 24.06 3.31 5.09
CA ALA F 91 23.22 2.98 3.98
C ALA F 91 23.56 1.62 3.42
N ARG F 92 22.57 1.04 2.74
CA ARG F 92 22.68 -0.26 2.09
C ARG F 92 22.31 -0.05 0.63
N ILE F 93 23.18 -0.48 -0.26
CA ILE F 93 22.90 -0.37 -1.68
C ILE F 93 22.88 -1.80 -2.20
N ILE F 94 21.88 -2.12 -3.04
CA ILE F 94 21.76 -3.45 -3.66
C ILE F 94 22.00 -3.35 -5.15
N ILE F 95 23.02 -4.05 -5.65
CA ILE F 95 23.27 -4.12 -7.07
C ILE F 95 22.99 -5.49 -7.64
N ALA F 96 22.85 -5.56 -8.94
CA ALA F 96 22.55 -6.82 -9.61
C ALA F 96 23.50 -6.99 -10.76
N ARG F 97 24.08 -8.17 -10.89
CA ARG F 97 25.02 -8.38 -11.99
C ARG F 97 24.21 -8.25 -13.30
N ASP F 98 24.80 -7.61 -14.30
CA ASP F 98 24.14 -7.32 -15.55
C ASP F 98 25.23 -7.01 -16.59
N PRO F 99 25.61 -8.02 -17.41
CA PRO F 99 26.72 -7.91 -18.34
C PRO F 99 26.62 -6.80 -19.36
N SER F 100 25.40 -6.41 -19.72
CA SER F 100 25.17 -5.43 -20.78
C SER F 100 25.23 -3.98 -20.29
N MSE F 101 25.59 -3.76 -19.02
CA MSE F 101 25.86 -2.42 -18.50
C MSE F 101 27.33 -2.23 -18.52
O MSE F 101 28.08 -3.18 -18.25
CB MSE F 101 25.40 -2.27 -17.05
CG MSE F 101 23.88 -2.48 -16.90
SE MSE F 101 22.91 -0.88 -17.51
CE MSE F 101 21.15 -1.42 -16.81
N PRO F 102 27.81 -1.00 -18.82
CA PRO F 102 29.27 -0.79 -18.88
C PRO F 102 30.02 -1.12 -17.56
N THR F 103 29.37 -0.92 -16.40
CA THR F 103 30.01 -1.26 -15.12
C THR F 103 29.92 -2.75 -14.77
N GLY F 104 29.05 -3.50 -15.47
CA GLY F 104 28.82 -4.91 -15.23
C GLY F 104 27.67 -5.20 -14.25
N TYR F 105 27.03 -4.14 -13.78
CA TYR F 105 25.94 -4.27 -12.81
C TYR F 105 24.90 -3.14 -12.98
N LYS F 106 23.74 -3.37 -12.40
CA LYS F 106 22.65 -2.42 -12.35
C LYS F 106 22.43 -2.12 -10.88
N ILE F 107 22.25 -0.85 -10.52
CA ILE F 107 21.89 -0.54 -9.14
C ILE F 107 20.38 -0.78 -9.01
N ILE F 108 19.99 -1.64 -8.08
CA ILE F 108 18.58 -2.02 -7.90
C ILE F 108 17.84 -1.08 -6.94
N THR F 109 18.43 -0.88 -5.79
CA THR F 109 17.88 0.05 -4.80
C THR F 109 18.94 0.48 -3.82
N GLY F 110 18.58 1.44 -3.00
CA GLY F 110 19.47 1.95 -2.02
C GLY F 110 18.67 2.72 -1.02
N TYR F 111 19.06 2.60 0.24
CA TYR F 111 18.36 3.32 1.30
C TYR F 111 19.17 3.38 2.56
N PRO F 112 18.86 4.36 3.43
CA PRO F 112 19.59 4.45 4.69
C PRO F 112 19.16 3.40 5.70
N THR F 113 20.09 3.00 6.57
CA THR F 113 19.81 2.01 7.60
C THR F 113 20.41 2.48 8.93
N PRO F 114 19.86 1.95 10.05
CA PRO F 114 20.56 2.06 11.34
C PRO F 114 21.96 1.44 11.29
NA NA G . -15.69 -2.49 -19.45
NA NA H . 9.17 -24.02 18.03
#